data_7L2G
#
_entry.id   7L2G
#
_entity_poly.entity_id   1
_entity_poly.type   'polypeptide(L)'
_entity_poly.pdbx_seq_one_letter_code
;CRDRIPQNVCEQMKKNGKCGDPRMSTIAELQCPKTCGKC(NH2)
;
_entity_poly.pdbx_strand_id   A
#
loop_
_chem_comp.id
_chem_comp.type
_chem_comp.name
_chem_comp.formula
NH2 non-polymer 'AMINO GROUP' 'H2 N'
#
# COMPACT_ATOMS: atom_id res chain seq x y z
N CYS A 1 8.03 6.73 -8.17
CA CYS A 1 7.44 5.40 -8.08
C CYS A 1 5.95 5.49 -7.74
N ARG A 2 5.11 5.09 -8.68
CA ARG A 2 3.66 5.12 -8.48
C ARG A 2 3.12 3.72 -8.18
N ASP A 3 1.81 3.63 -7.97
CA ASP A 3 1.16 2.36 -7.69
C ASP A 3 0.38 1.86 -8.90
N ARG A 4 0.48 0.56 -9.17
CA ARG A 4 -0.22 -0.03 -10.30
C ARG A 4 -1.72 0.19 -10.20
N ILE A 5 -2.21 0.26 -8.96
CA ILE A 5 -3.64 0.47 -8.72
C ILE A 5 -3.92 1.93 -8.33
N PRO A 6 -5.17 2.35 -8.53
CA PRO A 6 -5.60 3.71 -8.19
C PRO A 6 -5.65 3.96 -6.69
N GLN A 7 -5.86 5.21 -6.31
CA GLN A 7 -5.94 5.57 -4.89
C GLN A 7 -7.26 5.14 -4.28
N ASN A 8 -8.26 4.92 -5.14
CA ASN A 8 -9.58 4.49 -4.69
C ASN A 8 -9.49 3.21 -3.87
N VAL A 9 -8.68 2.26 -4.34
CA VAL A 9 -8.50 1.00 -3.66
C VAL A 9 -7.41 1.09 -2.59
N CYS A 10 -6.38 1.86 -2.89
CA CYS A 10 -5.27 2.04 -1.97
C CYS A 10 -5.71 2.80 -0.73
N GLU A 11 -6.78 3.58 -0.86
CA GLU A 11 -7.31 4.36 0.25
C GLU A 11 -7.62 3.46 1.45
N GLN A 12 -8.53 2.51 1.25
CA GLN A 12 -8.93 1.60 2.31
C GLN A 12 -7.71 0.93 2.93
N MET A 13 -6.69 0.70 2.11
CA MET A 13 -5.46 0.06 2.57
C MET A 13 -4.71 0.97 3.55
N LYS A 14 -4.79 2.28 3.30
CA LYS A 14 -4.12 3.25 4.15
C LYS A 14 -4.86 3.41 5.48
N LYS A 15 -6.18 3.54 5.41
CA LYS A 15 -7.00 3.69 6.60
C LYS A 15 -6.95 2.45 7.46
N ASN A 16 -6.75 1.30 6.82
CA ASN A 16 -6.67 0.02 7.54
C ASN A 16 -5.41 -0.05 8.39
N GLY A 17 -4.33 0.55 7.89
CA GLY A 17 -3.08 0.54 8.62
C GLY A 17 -2.29 -0.74 8.40
N LYS A 18 -2.53 -1.39 7.27
CA LYS A 18 -1.84 -2.64 6.94
C LYS A 18 -0.45 -2.34 6.39
N CYS A 19 -0.31 -1.21 5.70
CA CYS A 19 0.97 -0.82 5.12
C CYS A 19 2.10 -0.94 6.14
N GLY A 20 1.77 -0.65 7.40
CA GLY A 20 2.77 -0.72 8.45
C GLY A 20 2.85 -2.11 9.08
N ASP A 21 1.72 -2.79 9.13
CA ASP A 21 1.66 -4.13 9.72
C ASP A 21 2.55 -5.09 8.94
N PRO A 22 3.09 -6.10 9.64
CA PRO A 22 3.98 -7.11 9.05
C PRO A 22 3.24 -8.04 8.10
N ARG A 23 2.00 -8.39 8.46
CA ARG A 23 1.19 -9.28 7.65
C ARG A 23 1.03 -8.73 6.23
N MET A 24 0.97 -7.41 6.12
CA MET A 24 0.83 -6.76 4.81
C MET A 24 2.05 -5.90 4.50
N SER A 25 3.22 -6.53 4.43
CA SER A 25 4.46 -5.82 4.14
C SER A 25 4.78 -5.89 2.66
N THR A 26 4.69 -7.08 2.09
CA THR A 26 4.98 -7.27 0.68
C THR A 26 3.78 -6.92 -0.19
N ILE A 27 2.61 -7.43 0.19
CA ILE A 27 1.39 -7.16 -0.55
C ILE A 27 1.09 -5.67 -0.60
N ALA A 28 1.16 -5.01 0.56
CA ALA A 28 0.91 -3.58 0.65
C ALA A 28 1.92 -2.79 -0.18
N GLU A 29 3.12 -3.36 -0.35
CA GLU A 29 4.16 -2.70 -1.12
C GLU A 29 3.93 -2.86 -2.61
N LEU A 30 3.75 -4.10 -3.05
CA LEU A 30 3.51 -4.39 -4.46
C LEU A 30 2.17 -3.81 -4.91
N GLN A 31 1.17 -3.88 -4.03
CA GLN A 31 -0.15 -3.35 -4.35
C GLN A 31 -0.18 -1.83 -4.25
N CYS A 32 0.36 -1.30 -3.16
CA CYS A 32 0.40 0.14 -2.95
C CYS A 32 1.79 0.59 -2.50
N PRO A 33 2.74 0.59 -3.44
CA PRO A 33 4.12 0.99 -3.18
C PRO A 33 4.25 2.49 -2.90
N LYS A 34 3.40 3.28 -3.54
CA LYS A 34 3.41 4.72 -3.38
C LYS A 34 2.54 5.14 -2.18
N THR A 35 1.28 4.71 -2.20
CA THR A 35 0.35 5.05 -1.13
C THR A 35 0.95 4.70 0.24
N CYS A 36 1.59 3.54 0.33
CA CYS A 36 2.20 3.09 1.56
C CYS A 36 3.58 3.73 1.75
N GLY A 37 4.14 4.24 0.67
CA GLY A 37 5.46 4.86 0.73
C GLY A 37 6.54 3.88 1.11
N LYS A 38 6.86 2.96 0.20
CA LYS A 38 7.89 1.96 0.46
C LYS A 38 8.63 1.62 -0.84
N CYS A 39 8.82 2.60 -1.69
CA CYS A 39 9.52 2.40 -2.96
C CYS A 39 10.71 3.34 -3.07
N NH2 A 40 11.66 2.98 -3.94
HN1 NH2 A 40 11.56 2.15 -4.45
N CYS A 1 7.74 4.32 -9.19
CA CYS A 1 7.35 4.52 -7.80
C CYS A 1 5.84 4.49 -7.66
N ARG A 2 5.13 5.00 -8.67
CA ARG A 2 3.67 5.03 -8.65
C ARG A 2 3.10 3.67 -8.32
N ASP A 3 1.80 3.62 -8.05
CA ASP A 3 1.13 2.37 -7.71
C ASP A 3 0.32 1.86 -8.90
N ARG A 4 0.47 0.58 -9.21
CA ARG A 4 -0.25 -0.03 -10.32
C ARG A 4 -1.76 0.11 -10.14
N ILE A 5 -2.19 0.15 -8.88
CA ILE A 5 -3.61 0.28 -8.57
C ILE A 5 -3.95 1.72 -8.18
N PRO A 6 -5.24 2.07 -8.32
CA PRO A 6 -5.73 3.41 -8.00
C PRO A 6 -5.72 3.68 -6.50
N GLN A 7 -5.97 4.92 -6.11
CA GLN A 7 -5.99 5.31 -4.71
C GLN A 7 -7.26 4.81 -4.02
N ASN A 8 -8.27 4.50 -4.83
CA ASN A 8 -9.54 4.02 -4.29
C ASN A 8 -9.34 2.76 -3.46
N VAL A 9 -8.50 1.86 -3.96
CA VAL A 9 -8.21 0.61 -3.26
C VAL A 9 -7.08 0.78 -2.26
N CYS A 10 -6.11 1.62 -2.62
CA CYS A 10 -4.97 1.88 -1.75
C CYS A 10 -5.40 2.65 -0.50
N GLU A 11 -6.49 3.38 -0.61
CA GLU A 11 -7.01 4.16 0.51
C GLU A 11 -7.28 3.27 1.72
N GLN A 12 -8.19 2.31 1.54
CA GLN A 12 -8.54 1.39 2.61
C GLN A 12 -7.30 0.74 3.21
N MET A 13 -6.29 0.51 2.37
CA MET A 13 -5.04 -0.09 2.81
C MET A 13 -4.32 0.81 3.80
N LYS A 14 -4.41 2.12 3.57
CA LYS A 14 -3.76 3.09 4.45
C LYS A 14 -4.52 3.24 5.76
N LYS A 15 -5.83 3.40 5.66
CA LYS A 15 -6.67 3.56 6.85
C LYS A 15 -6.67 2.27 7.68
N ASN A 16 -6.50 1.14 7.00
CA ASN A 16 -6.49 -0.16 7.67
C ASN A 16 -5.17 -0.38 8.41
N GLY A 17 -4.08 0.13 7.84
CA GLY A 17 -2.78 -0.01 8.47
C GLY A 17 -1.98 -1.15 7.87
N LYS A 18 -2.29 -1.51 6.63
CA LYS A 18 -1.59 -2.60 5.95
C LYS A 18 -0.16 -2.22 5.64
N CYS A 19 0.03 -0.99 5.16
CA CYS A 19 1.37 -0.51 4.82
C CYS A 19 2.34 -0.70 5.98
N GLY A 20 1.81 -0.57 7.20
CA GLY A 20 2.65 -0.73 8.38
C GLY A 20 2.61 -2.16 8.92
N ASP A 21 1.47 -2.81 8.77
CA ASP A 21 1.31 -4.18 9.25
C ASP A 21 2.35 -5.09 8.63
N PRO A 22 2.84 -6.07 9.41
CA PRO A 22 3.85 -7.03 8.96
C PRO A 22 3.30 -8.00 7.93
N ARG A 23 2.13 -8.57 8.23
CA ARG A 23 1.50 -9.52 7.33
C ARG A 23 1.25 -8.90 5.96
N MET A 24 0.94 -7.61 5.95
CA MET A 24 0.68 -6.89 4.70
C MET A 24 1.76 -5.86 4.43
N SER A 25 3.02 -6.25 4.67
CA SER A 25 4.15 -5.35 4.46
C SER A 25 4.76 -5.56 3.08
N THR A 26 4.81 -6.82 2.65
CA THR A 26 5.37 -7.16 1.35
C THR A 26 4.34 -6.96 0.24
N ILE A 27 3.07 -7.08 0.59
CA ILE A 27 2.00 -6.90 -0.38
C ILE A 27 1.62 -5.43 -0.53
N ALA A 28 1.74 -4.68 0.55
CA ALA A 28 1.43 -3.26 0.54
C ALA A 28 2.48 -2.47 -0.23
N GLU A 29 3.70 -2.99 -0.27
CA GLU A 29 4.79 -2.33 -0.97
C GLU A 29 4.70 -2.57 -2.47
N LEU A 30 4.23 -3.76 -2.85
CA LEU A 30 4.10 -4.11 -4.25
C LEU A 30 2.75 -3.64 -4.80
N GLN A 31 1.71 -3.72 -3.98
CA GLN A 31 0.38 -3.29 -4.38
C GLN A 31 0.23 -1.77 -4.27
N CYS A 32 0.79 -1.20 -3.21
CA CYS A 32 0.72 0.24 -2.99
C CYS A 32 2.09 0.79 -2.63
N PRO A 33 2.99 0.84 -3.62
CA PRO A 33 4.35 1.35 -3.43
C PRO A 33 4.38 2.86 -3.20
N LYS A 34 3.43 3.56 -3.80
CA LYS A 34 3.34 5.01 -3.67
C LYS A 34 2.53 5.38 -2.42
N THR A 35 1.28 4.92 -2.37
CA THR A 35 0.40 5.22 -1.25
C THR A 35 1.09 4.91 0.08
N CYS A 36 1.90 3.86 0.10
CA CYS A 36 2.63 3.47 1.30
C CYS A 36 4.03 4.07 1.31
N GLY A 37 4.50 4.48 0.14
CA GLY A 37 5.82 5.07 0.04
C GLY A 37 6.92 4.07 0.36
N LYS A 38 7.26 3.24 -0.63
CA LYS A 38 8.30 2.24 -0.46
C LYS A 38 9.07 2.02 -1.76
N CYS A 39 9.27 3.10 -2.51
CA CYS A 39 9.98 3.04 -3.78
C CYS A 39 11.48 2.90 -3.54
N NH2 A 40 12.11 1.93 -4.19
HN1 NH2 A 40 11.59 1.35 -4.79
N CYS A 1 7.76 4.38 -9.51
CA CYS A 1 7.43 4.58 -8.11
C CYS A 1 5.92 4.48 -7.89
N ARG A 2 5.14 4.96 -8.86
CA ARG A 2 3.69 4.93 -8.77
C ARG A 2 3.20 3.52 -8.46
N ASP A 3 1.90 3.40 -8.18
CA ASP A 3 1.32 2.10 -7.87
C ASP A 3 0.48 1.59 -9.04
N ARG A 4 0.50 0.28 -9.25
CA ARG A 4 -0.26 -0.34 -10.34
C ARG A 4 -1.75 -0.11 -10.16
N ILE A 5 -2.19 0.00 -8.91
CA ILE A 5 -3.60 0.22 -8.60
C ILE A 5 -3.86 1.67 -8.22
N PRO A 6 -5.12 2.11 -8.36
CA PRO A 6 -5.52 3.48 -8.03
C PRO A 6 -5.50 3.75 -6.53
N GLN A 7 -5.67 5.01 -6.16
CA GLN A 7 -5.66 5.40 -4.75
C GLN A 7 -6.97 5.00 -4.08
N ASN A 8 -8.03 4.86 -4.87
CA ASN A 8 -9.34 4.48 -4.34
C ASN A 8 -9.25 3.19 -3.56
N VAL A 9 -8.50 2.22 -4.09
CA VAL A 9 -8.34 0.93 -3.43
C VAL A 9 -7.20 0.97 -2.41
N CYS A 10 -6.14 1.69 -2.76
CA CYS A 10 -4.98 1.81 -1.88
C CYS A 10 -5.35 2.52 -0.58
N GLU A 11 -6.36 3.39 -0.66
CA GLU A 11 -6.82 4.14 0.51
C GLU A 11 -7.16 3.20 1.65
N GLN A 12 -7.83 2.10 1.34
CA GLN A 12 -8.22 1.11 2.35
C GLN A 12 -7.00 0.55 3.05
N MET A 13 -5.88 0.48 2.34
CA MET A 13 -4.64 -0.04 2.89
C MET A 13 -4.01 0.97 3.85
N LYS A 14 -4.08 2.24 3.48
CA LYS A 14 -3.51 3.31 4.30
C LYS A 14 -4.38 3.57 5.53
N LYS A 15 -5.70 3.58 5.33
CA LYS A 15 -6.63 3.81 6.43
C LYS A 15 -6.57 2.67 7.44
N ASN A 16 -6.23 1.48 6.97
CA ASN A 16 -6.14 0.31 7.84
C ASN A 16 -4.75 0.21 8.47
N GLY A 17 -3.73 0.59 7.70
CA GLY A 17 -2.37 0.54 8.19
C GLY A 17 -1.65 -0.71 7.75
N LYS A 18 -2.09 -1.29 6.66
CA LYS A 18 -1.48 -2.51 6.12
C LYS A 18 -0.02 -2.27 5.75
N CYS A 19 0.26 -1.07 5.25
CA CYS A 19 1.62 -0.72 4.84
C CYS A 19 2.60 -0.97 5.98
N GLY A 20 2.15 -0.76 7.21
CA GLY A 20 3.00 -0.96 8.37
C GLY A 20 2.85 -2.36 8.95
N ASP A 21 1.66 -2.91 8.87
CA ASP A 21 1.40 -4.25 9.39
C ASP A 21 2.32 -5.27 8.75
N PRO A 22 2.80 -6.23 9.55
CA PRO A 22 3.69 -7.29 9.09
C PRO A 22 2.99 -8.28 8.16
N ARG A 23 1.79 -8.69 8.54
CA ARG A 23 1.02 -9.64 7.74
C ARG A 23 0.83 -9.12 6.32
N MET A 24 0.68 -7.80 6.19
CA MET A 24 0.48 -7.18 4.89
C MET A 24 1.58 -6.16 4.61
N SER A 25 2.83 -6.56 4.82
CA SER A 25 3.97 -5.69 4.60
C SER A 25 4.56 -5.92 3.21
N THR A 26 4.57 -7.18 2.77
CA THR A 26 5.10 -7.53 1.47
C THR A 26 4.08 -7.29 0.36
N ILE A 27 2.80 -7.38 0.72
CA ILE A 27 1.72 -7.17 -0.23
C ILE A 27 1.39 -5.69 -0.38
N ALA A 28 1.51 -4.95 0.73
CA ALA A 28 1.23 -3.52 0.73
C ALA A 28 2.30 -2.75 -0.05
N GLU A 29 3.50 -3.31 -0.10
CA GLU A 29 4.61 -2.67 -0.79
C GLU A 29 4.51 -2.91 -2.30
N LEU A 30 4.03 -4.09 -2.67
CA LEU A 30 3.88 -4.44 -4.09
C LEU A 30 2.56 -3.93 -4.64
N GLN A 31 1.52 -3.97 -3.81
CA GLN A 31 0.20 -3.51 -4.22
C GLN A 31 0.12 -1.99 -4.20
N CYS A 32 0.73 -1.38 -3.17
CA CYS A 32 0.73 0.06 -3.04
C CYS A 32 2.13 0.58 -2.69
N PRO A 33 3.04 0.52 -3.66
CA PRO A 33 4.42 0.97 -3.49
C PRO A 33 4.53 2.49 -3.36
N LYS A 34 3.63 3.20 -4.03
CA LYS A 34 3.61 4.65 -3.99
C LYS A 34 2.84 5.15 -2.78
N THR A 35 1.68 4.55 -2.53
CA THR A 35 0.84 4.94 -1.40
C THR A 35 1.54 4.64 -0.08
N CYS A 36 2.18 3.48 0.00
CA CYS A 36 2.88 3.08 1.21
C CYS A 36 4.27 3.70 1.27
N GLY A 37 4.76 4.15 0.11
CA GLY A 37 6.08 4.75 0.04
C GLY A 37 7.20 3.74 0.24
N LYS A 38 7.23 2.73 -0.62
CA LYS A 38 8.25 1.69 -0.53
C LYS A 38 8.99 1.55 -1.85
N CYS A 39 9.20 2.68 -2.54
CA CYS A 39 9.90 2.68 -3.81
C CYS A 39 11.16 3.54 -3.75
N NH2 A 40 11.82 3.71 -4.88
HN1 NH2 A 40 11.48 3.28 -5.71
N CYS A 1 7.41 4.27 -10.39
CA CYS A 1 7.39 4.57 -8.96
C CYS A 1 5.98 4.52 -8.41
N ARG A 2 5.01 4.95 -9.22
CA ARG A 2 3.62 4.95 -8.81
C ARG A 2 3.15 3.55 -8.45
N ASP A 3 1.86 3.42 -8.15
CA ASP A 3 1.28 2.12 -7.80
C ASP A 3 0.45 1.57 -8.95
N ARG A 4 0.57 0.26 -9.18
CA ARG A 4 -0.17 -0.39 -10.24
C ARG A 4 -1.68 -0.20 -10.06
N ILE A 5 -2.11 -0.10 -8.81
CA ILE A 5 -3.52 0.09 -8.50
C ILE A 5 -3.81 1.54 -8.12
N PRO A 6 -5.08 1.95 -8.26
CA PRO A 6 -5.52 3.30 -7.95
C PRO A 6 -5.50 3.58 -6.44
N GLN A 7 -5.73 4.84 -6.07
CA GLN A 7 -5.74 5.23 -4.66
C GLN A 7 -7.05 4.82 -3.99
N ASN A 8 -8.10 4.67 -4.79
CA ASN A 8 -9.41 4.28 -4.27
C ASN A 8 -9.32 2.97 -3.50
N VAL A 9 -8.53 2.03 -4.03
CA VAL A 9 -8.36 0.73 -3.40
C VAL A 9 -7.24 0.77 -2.36
N CYS A 10 -6.20 1.55 -2.64
CA CYS A 10 -5.07 1.67 -1.74
C CYS A 10 -5.48 2.38 -0.46
N GLU A 11 -6.51 3.22 -0.54
CA GLU A 11 -7.00 3.96 0.61
C GLU A 11 -7.34 3.02 1.76
N GLN A 12 -8.19 2.04 1.48
CA GLN A 12 -8.59 1.07 2.49
C GLN A 12 -7.38 0.44 3.17
N MET A 13 -6.29 0.32 2.42
CA MET A 13 -5.06 -0.26 2.95
C MET A 13 -4.33 0.75 3.84
N LYS A 14 -4.42 2.02 3.48
CA LYS A 14 -3.77 3.08 4.25
C LYS A 14 -4.54 3.37 5.54
N LYS A 15 -5.86 3.38 5.44
CA LYS A 15 -6.70 3.64 6.60
C LYS A 15 -6.57 2.53 7.64
N ASN A 16 -6.26 1.33 7.17
CA ASN A 16 -6.11 0.19 8.05
C ASN A 16 -4.69 0.14 8.63
N GLY A 17 -3.71 0.54 7.83
CA GLY A 17 -2.34 0.54 8.28
C GLY A 17 -1.56 -0.65 7.75
N LYS A 18 -2.02 -1.20 6.63
CA LYS A 18 -1.35 -2.36 6.02
C LYS A 18 0.11 -2.05 5.73
N CYS A 19 0.38 -0.83 5.27
CA CYS A 19 1.73 -0.41 4.95
C CYS A 19 2.68 -0.71 6.11
N GLY A 20 2.17 -0.59 7.33
CA GLY A 20 2.97 -0.84 8.50
C GLY A 20 2.80 -2.25 9.04
N ASP A 21 1.60 -2.80 8.88
CA ASP A 21 1.29 -4.14 9.35
C ASP A 21 2.24 -5.16 8.73
N PRO A 22 2.62 -6.16 9.53
CA PRO A 22 3.53 -7.23 9.08
C PRO A 22 2.88 -8.15 8.05
N ARG A 23 1.67 -8.60 8.35
CA ARG A 23 0.95 -9.48 7.45
C ARG A 23 0.75 -8.84 6.08
N MET A 24 0.55 -7.53 6.07
CA MET A 24 0.36 -6.78 4.83
C MET A 24 1.52 -5.82 4.58
N SER A 25 2.72 -6.26 4.94
CA SER A 25 3.91 -5.43 4.76
C SER A 25 4.45 -5.55 3.33
N THR A 26 4.47 -6.78 2.82
CA THR A 26 4.96 -7.03 1.47
C THR A 26 3.88 -6.77 0.44
N ILE A 27 2.63 -7.07 0.81
CA ILE A 27 1.50 -6.87 -0.09
C ILE A 27 1.22 -5.39 -0.29
N ALA A 28 1.23 -4.63 0.80
CA ALA A 28 0.98 -3.20 0.74
C ALA A 28 2.08 -2.48 -0.04
N GLU A 29 3.28 -3.06 -0.04
CA GLU A 29 4.41 -2.48 -0.76
C GLU A 29 4.30 -2.74 -2.25
N LEU A 30 4.07 -3.99 -2.62
CA LEU A 30 3.94 -4.37 -4.02
C LEU A 30 2.66 -3.82 -4.61
N GLN A 31 1.59 -3.84 -3.82
CA GLN A 31 0.29 -3.34 -4.28
C GLN A 31 0.26 -1.82 -4.26
N CYS A 32 0.73 -1.23 -3.17
CA CYS A 32 0.75 0.22 -3.03
C CYS A 32 2.15 0.70 -2.66
N PRO A 33 3.08 0.60 -3.61
CA PRO A 33 4.47 1.04 -3.42
C PRO A 33 4.60 2.54 -3.32
N LYS A 34 3.66 3.26 -3.93
CA LYS A 34 3.66 4.72 -3.91
C LYS A 34 2.92 5.25 -2.69
N THR A 35 1.72 4.73 -2.46
CA THR A 35 0.90 5.15 -1.33
C THR A 35 1.69 5.09 -0.03
N CYS A 36 2.43 4.00 0.14
CA CYS A 36 3.23 3.81 1.35
C CYS A 36 4.58 4.52 1.22
N GLY A 37 4.96 4.86 -0.01
CA GLY A 37 6.21 5.55 -0.23
C GLY A 37 7.41 4.62 -0.16
N LYS A 38 7.21 3.37 -0.56
CA LYS A 38 8.27 2.38 -0.55
C LYS A 38 8.87 2.19 -1.94
N CYS A 39 8.95 3.28 -2.69
CA CYS A 39 9.50 3.24 -4.04
C CYS A 39 10.87 2.57 -4.05
N NH2 A 40 10.97 1.45 -4.76
HN1 NH2 A 40 10.18 1.11 -5.24
N CYS A 1 8.00 5.65 -6.86
CA CYS A 1 7.31 5.16 -8.07
C CYS A 1 5.82 5.03 -7.81
N ARG A 2 5.03 5.39 -8.82
CA ARG A 2 3.57 5.32 -8.72
C ARG A 2 3.12 3.90 -8.35
N ASP A 3 1.84 3.75 -8.08
CA ASP A 3 1.28 2.45 -7.73
C ASP A 3 0.48 1.86 -8.88
N ARG A 4 0.64 0.56 -9.10
CA ARG A 4 -0.07 -0.12 -10.18
C ARG A 4 -1.58 0.03 -10.02
N ILE A 5 -2.03 0.13 -8.77
CA ILE A 5 -3.45 0.28 -8.48
C ILE A 5 -3.78 1.71 -8.11
N PRO A 6 -5.06 2.09 -8.25
CA PRO A 6 -5.54 3.44 -7.93
C PRO A 6 -5.55 3.70 -6.42
N GLN A 7 -5.88 4.93 -6.05
CA GLN A 7 -5.91 5.31 -4.64
C GLN A 7 -7.21 4.84 -3.98
N ASN A 8 -8.26 4.70 -4.79
CA ASN A 8 -9.56 4.27 -4.30
C ASN A 8 -9.43 2.94 -3.56
N VAL A 9 -8.62 2.03 -4.12
CA VAL A 9 -8.42 0.73 -3.51
C VAL A 9 -7.32 0.77 -2.46
N CYS A 10 -6.28 1.55 -2.73
CA CYS A 10 -5.16 1.68 -1.82
C CYS A 10 -5.60 2.33 -0.51
N GLU A 11 -6.61 3.20 -0.58
CA GLU A 11 -7.11 3.88 0.60
C GLU A 11 -7.47 2.87 1.70
N GLN A 12 -8.25 1.87 1.34
CA GLN A 12 -8.65 0.84 2.30
C GLN A 12 -7.44 0.26 3.02
N MET A 13 -6.30 0.23 2.33
CA MET A 13 -5.08 -0.30 2.92
C MET A 13 -4.41 0.73 3.81
N LYS A 14 -4.54 2.00 3.44
CA LYS A 14 -3.94 3.08 4.22
C LYS A 14 -4.73 3.32 5.50
N LYS A 15 -6.05 3.35 5.39
CA LYS A 15 -6.92 3.56 6.55
C LYS A 15 -6.80 2.39 7.52
N ASN A 16 -6.52 1.21 6.99
CA ASN A 16 -6.39 0.02 7.82
C ASN A 16 -4.99 -0.09 8.42
N GLY A 17 -4.00 0.37 7.66
CA GLY A 17 -2.63 0.32 8.13
C GLY A 17 -1.87 -0.88 7.59
N LYS A 18 -2.32 -1.40 6.45
CA LYS A 18 -1.68 -2.55 5.83
C LYS A 18 -0.22 -2.24 5.49
N CYS A 19 0.03 -1.01 5.06
CA CYS A 19 1.39 -0.59 4.70
C CYS A 19 2.36 -0.88 5.84
N GLY A 20 1.88 -0.75 7.08
CA GLY A 20 2.72 -1.00 8.22
C GLY A 20 2.58 -2.42 8.76
N ASP A 21 1.38 -2.97 8.64
CA ASP A 21 1.11 -4.33 9.11
C ASP A 21 2.13 -5.31 8.55
N PRO A 22 2.44 -6.35 9.33
CA PRO A 22 3.40 -7.39 8.92
C PRO A 22 2.87 -8.25 7.79
N ARG A 23 1.64 -8.72 7.93
CA ARG A 23 1.02 -9.57 6.92
C ARG A 23 1.01 -8.88 5.56
N MET A 24 0.83 -7.56 5.57
CA MET A 24 0.81 -6.77 4.35
C MET A 24 2.06 -5.91 4.23
N SER A 25 3.22 -6.55 4.32
CA SER A 25 4.50 -5.83 4.23
C SER A 25 5.04 -5.90 2.81
N THR A 26 5.13 -7.11 2.27
CA THR A 26 5.63 -7.30 0.92
C THR A 26 4.55 -7.05 -0.13
N ILE A 27 3.30 -7.26 0.28
CA ILE A 27 2.16 -7.06 -0.63
C ILE A 27 1.82 -5.58 -0.75
N ALA A 28 1.95 -4.85 0.37
CA ALA A 28 1.66 -3.42 0.38
C ALA A 28 2.75 -2.63 -0.32
N GLU A 29 3.96 -3.19 -0.36
CA GLU A 29 5.08 -2.54 -1.01
C GLU A 29 5.02 -2.70 -2.52
N LEU A 30 4.42 -3.79 -2.98
CA LEU A 30 4.28 -4.07 -4.40
C LEU A 30 2.94 -3.57 -4.93
N GLN A 31 1.90 -3.74 -4.12
CA GLN A 31 0.56 -3.30 -4.52
C GLN A 31 0.41 -1.80 -4.40
N CYS A 32 0.78 -1.26 -3.23
CA CYS A 32 0.69 0.18 -3.00
C CYS A 32 2.06 0.76 -2.68
N PRO A 33 2.95 0.76 -3.68
CA PRO A 33 4.32 1.28 -3.54
C PRO A 33 4.34 2.80 -3.38
N LYS A 34 3.38 3.47 -4.01
CA LYS A 34 3.28 4.92 -3.96
C LYS A 34 2.55 5.36 -2.70
N THR A 35 1.32 4.87 -2.52
CA THR A 35 0.51 5.22 -1.36
C THR A 35 1.27 4.94 -0.06
N CYS A 36 1.96 3.80 -0.03
CA CYS A 36 2.72 3.42 1.16
C CYS A 36 4.15 3.95 1.09
N GLY A 37 4.58 4.31 -0.12
CA GLY A 37 5.92 4.82 -0.31
C GLY A 37 6.99 3.83 0.10
N LYS A 38 6.95 2.65 -0.51
CA LYS A 38 7.92 1.60 -0.19
C LYS A 38 8.67 1.18 -1.45
N CYS A 39 8.95 2.14 -2.33
CA CYS A 39 9.66 1.85 -3.57
C CYS A 39 11.16 1.81 -3.34
N NH2 A 40 11.80 0.74 -3.81
HN1 NH2 A 40 11.29 0.04 -4.27
N CYS A 1 7.72 7.36 -7.78
CA CYS A 1 7.02 6.32 -8.54
C CYS A 1 5.55 6.26 -8.14
N ARG A 2 4.75 5.57 -8.95
CA ARG A 2 3.32 5.43 -8.68
C ARG A 2 2.97 3.98 -8.33
N ASP A 3 1.70 3.73 -8.06
CA ASP A 3 1.23 2.40 -7.73
C ASP A 3 0.46 1.78 -8.90
N ARG A 4 0.53 0.46 -9.02
CA ARG A 4 -0.15 -0.25 -10.09
C ARG A 4 -1.67 -0.13 -9.93
N ILE A 5 -2.12 0.01 -8.68
CA ILE A 5 -3.54 0.13 -8.41
C ILE A 5 -3.91 1.57 -8.04
N PRO A 6 -5.19 1.91 -8.19
CA PRO A 6 -5.70 3.25 -7.88
C PRO A 6 -5.69 3.54 -6.37
N GLN A 7 -5.91 4.80 -6.02
CA GLN A 7 -5.92 5.21 -4.61
C GLN A 7 -7.20 4.75 -3.93
N ASN A 8 -8.24 4.48 -4.72
CA ASN A 8 -9.52 4.03 -4.20
C ASN A 8 -9.34 2.75 -3.37
N VAL A 9 -8.52 1.84 -3.87
CA VAL A 9 -8.26 0.58 -3.18
C VAL A 9 -7.14 0.72 -2.17
N CYS A 10 -6.14 1.54 -2.51
CA CYS A 10 -5.00 1.77 -1.63
C CYS A 10 -5.43 2.54 -0.38
N GLU A 11 -6.53 3.28 -0.48
CA GLU A 11 -7.04 4.05 0.64
C GLU A 11 -7.32 3.15 1.84
N GLN A 12 -8.19 2.17 1.63
CA GLN A 12 -8.56 1.25 2.70
C GLN A 12 -7.31 0.64 3.35
N MET A 13 -6.26 0.48 2.55
CA MET A 13 -5.01 -0.08 3.05
C MET A 13 -4.35 0.86 4.05
N LYS A 14 -4.24 2.13 3.68
CA LYS A 14 -3.64 3.14 4.54
C LYS A 14 -4.52 3.42 5.75
N LYS A 15 -5.83 3.46 5.53
CA LYS A 15 -6.79 3.73 6.60
C LYS A 15 -6.78 2.60 7.62
N ASN A 16 -6.46 1.39 7.16
CA ASN A 16 -6.41 0.23 8.04
C ASN A 16 -5.05 0.09 8.70
N GLY A 17 -4.01 0.51 7.98
CA GLY A 17 -2.66 0.43 8.51
C GLY A 17 -1.89 -0.75 7.95
N LYS A 18 -2.28 -1.21 6.77
CA LYS A 18 -1.63 -2.33 6.12
C LYS A 18 -0.19 -1.97 5.74
N CYS A 19 0.04 -0.71 5.42
CA CYS A 19 1.36 -0.24 5.03
C CYS A 19 2.41 -0.67 6.05
N GLY A 20 2.02 -0.70 7.32
CA GLY A 20 2.93 -1.10 8.37
C GLY A 20 2.52 -2.41 9.03
N ASP A 21 1.81 -3.24 8.29
CA ASP A 21 1.35 -4.53 8.82
C ASP A 21 2.40 -5.60 8.57
N PRO A 22 2.41 -6.64 9.44
CA PRO A 22 3.35 -7.75 9.34
C PRO A 22 3.07 -8.64 8.14
N ARG A 23 1.80 -9.01 7.97
CA ARG A 23 1.41 -9.86 6.86
C ARG A 23 1.28 -9.06 5.56
N MET A 24 0.84 -7.81 5.70
CA MET A 24 0.68 -6.93 4.55
C MET A 24 1.87 -5.99 4.40
N SER A 25 3.07 -6.53 4.59
CA SER A 25 4.29 -5.74 4.48
C SER A 25 4.89 -5.85 3.08
N THR A 26 4.93 -7.07 2.56
CA THR A 26 5.48 -7.31 1.23
C THR A 26 4.45 -7.03 0.14
N ILE A 27 3.17 -7.17 0.50
CA ILE A 27 2.08 -6.93 -0.43
C ILE A 27 1.75 -5.44 -0.53
N ALA A 28 1.93 -4.73 0.57
CA ALA A 28 1.65 -3.30 0.62
C ALA A 28 2.74 -2.51 -0.11
N GLU A 29 3.93 -3.09 -0.19
CA GLU A 29 5.06 -2.44 -0.87
C GLU A 29 4.96 -2.61 -2.37
N LEU A 30 4.29 -3.68 -2.80
CA LEU A 30 4.12 -3.97 -4.22
C LEU A 30 2.77 -3.46 -4.72
N GLN A 31 1.76 -3.55 -3.87
CA GLN A 31 0.42 -3.11 -4.23
C GLN A 31 0.31 -1.59 -4.12
N CYS A 32 0.85 -1.04 -3.04
CA CYS A 32 0.81 0.40 -2.81
C CYS A 32 2.17 0.91 -2.35
N PRO A 33 3.13 1.00 -3.28
CA PRO A 33 4.49 1.47 -2.99
C PRO A 33 4.53 2.96 -2.68
N LYS A 34 3.87 3.75 -3.53
CA LYS A 34 3.83 5.19 -3.34
C LYS A 34 2.94 5.57 -2.17
N THR A 35 1.76 4.97 -2.10
CA THR A 35 0.82 5.24 -1.02
C THR A 35 1.48 5.04 0.34
N CYS A 36 2.27 3.98 0.47
CA CYS A 36 2.96 3.68 1.71
C CYS A 36 4.30 4.39 1.77
N GLY A 37 4.80 4.82 0.62
CA GLY A 37 6.07 5.52 0.57
C GLY A 37 7.24 4.59 0.78
N LYS A 38 7.22 3.44 0.10
CA LYS A 38 8.30 2.47 0.21
C LYS A 38 8.98 2.24 -1.14
N CYS A 39 9.12 3.31 -1.92
CA CYS A 39 9.74 3.23 -3.23
C CYS A 39 11.26 3.30 -3.11
N NH2 A 40 11.87 2.20 -2.68
HN1 NH2 A 40 11.33 1.41 -2.47
N CYS A 1 7.87 1.89 -9.93
CA CYS A 1 7.89 2.16 -8.50
C CYS A 1 6.52 2.67 -8.03
N ARG A 2 5.91 3.51 -8.85
CA ARG A 2 4.61 4.08 -8.51
C ARG A 2 3.58 2.98 -8.28
N ASP A 3 2.35 3.38 -8.00
CA ASP A 3 1.27 2.42 -7.74
C ASP A 3 0.48 2.14 -9.03
N ARG A 4 0.22 0.87 -9.28
CA ARG A 4 -0.52 0.47 -10.47
C ARG A 4 -2.02 0.61 -10.25
N ILE A 5 -2.46 0.39 -9.02
CA ILE A 5 -3.87 0.51 -8.68
C ILE A 5 -4.22 1.92 -8.21
N PRO A 6 -5.51 2.27 -8.29
CA PRO A 6 -6.00 3.59 -7.88
C PRO A 6 -5.94 3.78 -6.37
N GLN A 7 -6.24 4.99 -5.91
CA GLN A 7 -6.22 5.30 -4.50
C GLN A 7 -7.51 4.86 -3.82
N ASN A 8 -8.61 4.86 -4.58
CA ASN A 8 -9.90 4.45 -4.05
C ASN A 8 -9.82 3.08 -3.41
N VAL A 9 -9.00 2.19 -3.99
CA VAL A 9 -8.83 0.84 -3.47
C VAL A 9 -7.73 0.80 -2.42
N CYS A 10 -6.68 1.59 -2.63
CA CYS A 10 -5.56 1.63 -1.70
C CYS A 10 -5.98 2.27 -0.37
N GLU A 11 -6.99 3.13 -0.43
CA GLU A 11 -7.49 3.79 0.77
C GLU A 11 -7.73 2.79 1.90
N GLN A 12 -8.44 1.72 1.57
CA GLN A 12 -8.75 0.68 2.56
C GLN A 12 -7.47 0.09 3.13
N MET A 13 -6.42 0.05 2.33
CA MET A 13 -5.14 -0.50 2.76
C MET A 13 -4.41 0.50 3.65
N LYS A 14 -4.21 1.71 3.15
CA LYS A 14 -3.53 2.76 3.90
C LYS A 14 -4.24 3.04 5.21
N LYS A 15 -5.56 3.13 5.16
CA LYS A 15 -6.37 3.40 6.34
C LYS A 15 -6.27 2.24 7.33
N ASN A 16 -6.07 1.02 6.81
CA ASN A 16 -5.96 -0.16 7.65
C ASN A 16 -4.62 -0.21 8.36
N GLY A 17 -3.58 0.28 7.68
CA GLY A 17 -2.25 0.28 8.27
C GLY A 17 -1.39 -0.86 7.76
N LYS A 18 -1.71 -1.36 6.58
CA LYS A 18 -0.96 -2.45 5.98
C LYS A 18 0.47 -2.03 5.66
N CYS A 19 0.63 -0.77 5.26
CA CYS A 19 1.94 -0.24 4.92
C CYS A 19 2.95 -0.52 6.04
N GLY A 20 2.47 -0.51 7.27
CA GLY A 20 3.34 -0.76 8.41
C GLY A 20 3.23 -2.18 8.91
N ASP A 21 2.05 -2.77 8.76
CA ASP A 21 1.81 -4.13 9.22
C ASP A 21 2.87 -5.08 8.67
N PRO A 22 3.33 -6.02 9.52
CA PRO A 22 4.36 -6.99 9.13
C PRO A 22 3.83 -8.02 8.14
N ARG A 23 2.66 -8.58 8.42
CA ARG A 23 2.05 -9.57 7.55
C ARG A 23 1.64 -8.95 6.22
N MET A 24 1.19 -7.70 6.28
CA MET A 24 0.76 -6.98 5.08
C MET A 24 1.80 -5.94 4.67
N SER A 25 3.07 -6.26 4.87
CA SER A 25 4.15 -5.35 4.52
C SER A 25 4.55 -5.50 3.07
N THR A 26 4.50 -6.74 2.57
CA THR A 26 4.86 -7.02 1.18
C THR A 26 3.69 -6.72 0.24
N ILE A 27 2.49 -7.09 0.66
CA ILE A 27 1.29 -6.86 -0.14
C ILE A 27 1.02 -5.37 -0.29
N ALA A 28 1.12 -4.64 0.81
CA ALA A 28 0.89 -3.19 0.80
C ALA A 28 1.91 -2.48 -0.09
N GLU A 29 3.09 -3.08 -0.23
CA GLU A 29 4.14 -2.51 -1.05
C GLU A 29 3.90 -2.80 -2.53
N LEU A 30 3.73 -4.07 -2.86
CA LEU A 30 3.50 -4.49 -4.23
C LEU A 30 2.18 -3.95 -4.75
N GLN A 31 1.18 -3.89 -3.87
CA GLN A 31 -0.14 -3.39 -4.24
C GLN A 31 -0.18 -1.87 -4.17
N CYS A 32 0.34 -1.32 -3.08
CA CYS A 32 0.36 0.13 -2.88
C CYS A 32 1.77 0.61 -2.56
N PRO A 33 2.66 0.57 -3.55
CA PRO A 33 4.05 0.99 -3.39
C PRO A 33 4.18 2.50 -3.21
N LYS A 34 3.49 3.25 -4.08
CA LYS A 34 3.52 4.71 -4.01
C LYS A 34 2.73 5.22 -2.81
N THR A 35 1.52 4.71 -2.65
CA THR A 35 0.67 5.11 -1.54
C THR A 35 1.41 5.04 -0.21
N CYS A 36 2.17 3.95 -0.02
CA CYS A 36 2.93 3.74 1.20
C CYS A 36 4.32 4.37 1.08
N GLY A 37 4.74 4.63 -0.15
CA GLY A 37 6.05 5.23 -0.38
C GLY A 37 7.18 4.27 -0.08
N LYS A 38 7.14 3.10 -0.69
CA LYS A 38 8.17 2.08 -0.48
C LYS A 38 8.92 1.79 -1.78
N CYS A 39 9.08 2.82 -2.61
CA CYS A 39 9.78 2.68 -3.89
C CYS A 39 11.13 2.01 -3.69
N NH2 A 40 11.85 2.45 -2.66
HN1 NH2 A 40 11.50 3.17 -2.09
N CYS A 1 7.89 7.39 -7.95
CA CYS A 1 7.33 6.04 -7.81
C CYS A 1 5.81 6.10 -7.69
N ARG A 2 5.13 5.33 -8.52
CA ARG A 2 3.68 5.28 -8.51
C ARG A 2 3.17 3.88 -8.17
N ASP A 3 1.87 3.77 -7.94
CA ASP A 3 1.27 2.48 -7.61
C ASP A 3 0.47 1.94 -8.79
N ARG A 4 0.60 0.64 -9.03
CA ARG A 4 -0.11 -0.01 -10.14
C ARG A 4 -1.61 0.18 -10.01
N ILE A 5 -2.09 0.28 -8.77
CA ILE A 5 -3.52 0.47 -8.51
C ILE A 5 -3.81 1.91 -8.11
N PRO A 6 -5.07 2.33 -8.28
CA PRO A 6 -5.52 3.68 -7.95
C PRO A 6 -5.55 3.91 -6.44
N GLN A 7 -5.85 5.15 -6.04
CA GLN A 7 -5.91 5.50 -4.63
C GLN A 7 -7.25 5.07 -4.02
N ASN A 8 -8.28 4.98 -4.86
CA ASN A 8 -9.60 4.58 -4.40
C ASN A 8 -9.54 3.22 -3.69
N VAL A 9 -8.75 2.31 -4.25
CA VAL A 9 -8.61 0.97 -3.68
C VAL A 9 -7.52 0.96 -2.60
N CYS A 10 -6.48 1.73 -2.82
CA CYS A 10 -5.37 1.80 -1.87
C CYS A 10 -5.82 2.42 -0.55
N GLU A 11 -6.83 3.30 -0.64
CA GLU A 11 -7.35 3.97 0.54
C GLU A 11 -7.68 2.97 1.65
N GLN A 12 -8.55 2.01 1.32
CA GLN A 12 -8.96 0.99 2.29
C GLN A 12 -7.74 0.32 2.90
N MET A 13 -6.66 0.22 2.13
CA MET A 13 -5.43 -0.40 2.60
C MET A 13 -4.65 0.56 3.50
N LYS A 14 -4.71 1.84 3.18
CA LYS A 14 -4.01 2.86 3.96
C LYS A 14 -4.71 3.10 5.30
N LYS A 15 -6.03 3.15 5.27
CA LYS A 15 -6.82 3.37 6.48
C LYS A 15 -6.70 2.18 7.42
N ASN A 16 -6.49 0.99 6.85
CA ASN A 16 -6.35 -0.22 7.66
C ASN A 16 -5.01 -0.25 8.37
N GLY A 17 -3.99 0.29 7.73
CA GLY A 17 -2.66 0.32 8.34
C GLY A 17 -1.77 -0.81 7.83
N LYS A 18 -2.08 -1.31 6.64
CA LYS A 18 -1.30 -2.39 6.05
C LYS A 18 0.12 -1.94 5.73
N CYS A 19 0.26 -0.68 5.32
CA CYS A 19 1.57 -0.13 5.00
C CYS A 19 2.54 -0.29 6.16
N GLY A 20 2.00 -0.22 7.38
CA GLY A 20 2.84 -0.37 8.56
C GLY A 20 2.80 -1.77 9.12
N ASP A 21 1.66 -2.44 8.97
CA ASP A 21 1.50 -3.80 9.47
C ASP A 21 2.49 -4.74 8.80
N PRO A 22 3.05 -5.66 9.60
CA PRO A 22 4.03 -6.65 9.11
C PRO A 22 3.38 -7.69 8.19
N ARG A 23 2.26 -8.24 8.63
CA ARG A 23 1.55 -9.25 7.85
C ARG A 23 1.20 -8.72 6.47
N MET A 24 0.90 -7.43 6.39
CA MET A 24 0.55 -6.80 5.11
C MET A 24 1.60 -5.78 4.71
N SER A 25 2.86 -6.11 4.94
CA SER A 25 3.97 -5.20 4.61
C SER A 25 4.54 -5.53 3.23
N THR A 26 4.55 -6.81 2.89
CA THR A 26 5.06 -7.27 1.61
C THR A 26 4.05 -7.06 0.50
N ILE A 27 2.77 -7.08 0.87
CA ILE A 27 1.69 -6.90 -0.09
C ILE A 27 1.37 -5.42 -0.28
N ALA A 28 1.48 -4.65 0.81
CA ALA A 28 1.20 -3.22 0.76
C ALA A 28 2.32 -2.47 0.04
N GLU A 29 3.52 -3.05 0.03
CA GLU A 29 4.66 -2.44 -0.62
C GLU A 29 4.61 -2.64 -2.12
N LEU A 30 4.02 -3.76 -2.55
CA LEU A 30 3.91 -4.07 -3.98
C LEU A 30 2.57 -3.57 -4.53
N GLN A 31 1.52 -3.70 -3.73
CA GLN A 31 0.19 -3.26 -4.15
C GLN A 31 0.08 -1.74 -4.10
N CYS A 32 0.56 -1.15 -3.01
CA CYS A 32 0.51 0.30 -2.84
C CYS A 32 1.89 0.84 -2.49
N PRO A 33 2.81 0.81 -3.46
CA PRO A 33 4.18 1.31 -3.27
C PRO A 33 4.24 2.82 -3.14
N LYS A 34 3.31 3.51 -3.80
CA LYS A 34 3.26 4.97 -3.75
C LYS A 34 2.51 5.44 -2.51
N THR A 35 1.27 4.98 -2.37
CA THR A 35 0.44 5.35 -1.22
C THR A 35 1.17 5.09 0.09
N CYS A 36 1.85 3.95 0.17
CA CYS A 36 2.58 3.58 1.37
C CYS A 36 3.97 4.20 1.37
N GLY A 37 4.43 4.62 0.19
CA GLY A 37 5.75 5.23 0.07
C GLY A 37 6.86 4.23 0.30
N LYS A 38 6.69 3.02 -0.21
CA LYS A 38 7.70 1.98 -0.05
C LYS A 38 8.51 1.80 -1.34
N CYS A 39 8.78 2.91 -2.02
CA CYS A 39 9.54 2.88 -3.26
C CYS A 39 10.97 2.40 -3.01
N NH2 A 40 11.24 1.15 -3.39
HN1 NH2 A 40 10.53 0.61 -3.80
N CYS A 1 8.05 5.28 -7.46
CA CYS A 1 7.28 4.63 -8.54
C CYS A 1 5.80 4.60 -8.19
N ARG A 2 4.96 4.90 -9.17
CA ARG A 2 3.51 4.90 -8.98
C ARG A 2 3.03 3.52 -8.54
N ASP A 3 1.73 3.43 -8.24
CA ASP A 3 1.14 2.17 -7.81
C ASP A 3 0.29 1.56 -8.92
N ARG A 4 0.43 0.26 -9.12
CA ARG A 4 -0.31 -0.45 -10.16
C ARG A 4 -1.81 -0.28 -9.95
N ILE A 5 -2.22 -0.13 -8.69
CA ILE A 5 -3.63 0.05 -8.36
C ILE A 5 -3.95 1.51 -8.07
N PRO A 6 -5.24 1.87 -8.20
CA PRO A 6 -5.70 3.23 -7.96
C PRO A 6 -5.65 3.61 -6.49
N GLN A 7 -5.88 4.89 -6.20
CA GLN A 7 -5.85 5.37 -4.82
C GLN A 7 -7.12 4.99 -4.08
N ASN A 8 -8.19 4.75 -4.84
CA ASN A 8 -9.47 4.36 -4.25
C ASN A 8 -9.31 3.11 -3.39
N VAL A 9 -8.53 2.15 -3.87
CA VAL A 9 -8.29 0.91 -3.15
C VAL A 9 -7.15 1.05 -2.16
N CYS A 10 -6.14 1.84 -2.54
CA CYS A 10 -4.98 2.05 -1.69
C CYS A 10 -5.37 2.84 -0.44
N GLU A 11 -6.36 3.71 -0.58
CA GLU A 11 -6.83 4.53 0.53
C GLU A 11 -7.35 3.66 1.68
N GLN A 12 -8.39 2.89 1.38
CA GLN A 12 -8.99 2.00 2.39
C GLN A 12 -7.93 1.14 3.05
N MET A 13 -6.90 0.77 2.28
CA MET A 13 -5.82 -0.05 2.81
C MET A 13 -4.88 0.77 3.68
N LYS A 14 -4.68 2.03 3.30
CA LYS A 14 -3.80 2.92 4.05
C LYS A 14 -4.45 3.34 5.36
N LYS A 15 -5.77 3.52 5.34
CA LYS A 15 -6.51 3.92 6.53
C LYS A 15 -6.45 2.83 7.60
N ASN A 16 -6.33 1.59 7.16
CA ASN A 16 -6.26 0.45 8.08
C ASN A 16 -4.86 0.33 8.69
N GLY A 17 -3.85 0.68 7.90
CA GLY A 17 -2.48 0.60 8.38
C GLY A 17 -1.76 -0.62 7.87
N LYS A 18 -2.21 -1.15 6.74
CA LYS A 18 -1.60 -2.33 6.14
C LYS A 18 -0.17 -2.04 5.68
N CYS A 19 0.04 -0.83 5.19
CA CYS A 19 1.36 -0.42 4.71
C CYS A 19 2.43 -0.68 5.77
N GLY A 20 2.05 -0.52 7.03
CA GLY A 20 2.98 -0.75 8.12
C GLY A 20 2.86 -2.14 8.71
N ASP A 21 1.64 -2.68 8.70
CA ASP A 21 1.39 -4.01 9.25
C ASP A 21 2.35 -5.04 8.63
N PRO A 22 2.75 -6.03 9.43
CA PRO A 22 3.67 -7.08 8.99
C PRO A 22 3.01 -8.03 8.00
N ARG A 23 1.81 -8.49 8.32
CA ARG A 23 1.07 -9.41 7.46
C ARG A 23 0.90 -8.82 6.06
N MET A 24 0.72 -7.50 5.99
CA MET A 24 0.55 -6.81 4.72
C MET A 24 1.68 -5.82 4.48
N SER A 25 2.91 -6.26 4.74
CA SER A 25 4.08 -5.41 4.56
C SER A 25 4.73 -5.66 3.19
N THR A 26 4.76 -6.92 2.79
CA THR A 26 5.35 -7.30 1.51
C THR A 26 4.36 -7.10 0.37
N ILE A 27 3.06 -7.16 0.70
CA ILE A 27 2.02 -6.99 -0.30
C ILE A 27 1.68 -5.51 -0.49
N ALA A 28 1.79 -4.73 0.59
CA ALA A 28 1.51 -3.31 0.52
C ALA A 28 2.60 -2.56 -0.21
N GLU A 29 3.81 -3.13 -0.22
CA GLU A 29 4.94 -2.51 -0.89
C GLU A 29 4.87 -2.74 -2.40
N LEU A 30 4.28 -3.86 -2.80
CA LEU A 30 4.15 -4.19 -4.22
C LEU A 30 2.81 -3.69 -4.77
N GLN A 31 1.77 -3.75 -3.94
CA GLN A 31 0.45 -3.32 -4.34
C GLN A 31 0.34 -1.80 -4.27
N CYS A 32 0.72 -1.23 -3.12
CA CYS A 32 0.66 0.21 -2.93
C CYS A 32 2.05 0.77 -2.67
N PRO A 33 2.92 0.72 -3.68
CA PRO A 33 4.29 1.22 -3.58
C PRO A 33 4.35 2.74 -3.49
N LYS A 34 3.39 3.40 -4.13
CA LYS A 34 3.32 4.86 -4.13
C LYS A 34 2.60 5.37 -2.89
N THR A 35 1.36 4.91 -2.71
CA THR A 35 0.57 5.32 -1.56
C THR A 35 1.31 5.10 -0.25
N CYS A 36 1.98 3.94 -0.16
CA CYS A 36 2.74 3.60 1.04
C CYS A 36 4.18 4.08 0.93
N GLY A 37 4.61 4.36 -0.30
CA GLY A 37 5.97 4.83 -0.52
C GLY A 37 7.01 3.81 -0.12
N LYS A 38 6.94 2.62 -0.73
CA LYS A 38 7.89 1.56 -0.44
C LYS A 38 8.49 0.99 -1.73
N CYS A 39 8.76 1.87 -2.68
CA CYS A 39 9.34 1.47 -3.95
C CYS A 39 10.61 0.66 -3.74
N NH2 A 40 11.43 1.10 -2.79
HN1 NH2 A 40 11.19 1.91 -2.28
N CYS A 1 7.59 4.97 -9.15
CA CYS A 1 7.23 5.15 -7.75
C CYS A 1 5.72 4.98 -7.55
N ARG A 2 4.96 5.42 -8.54
CA ARG A 2 3.50 5.32 -8.48
C ARG A 2 3.06 3.89 -8.18
N ASP A 3 1.77 3.70 -7.93
CA ASP A 3 1.23 2.39 -7.63
C ASP A 3 0.45 1.84 -8.81
N ARG A 4 0.61 0.54 -9.07
CA ARG A 4 -0.07 -0.11 -10.18
C ARG A 4 -1.59 0.01 -10.02
N ILE A 5 -2.05 0.05 -8.77
CA ILE A 5 -3.47 0.15 -8.49
C ILE A 5 -3.87 1.60 -8.18
N PRO A 6 -5.16 1.90 -8.35
CA PRO A 6 -5.70 3.24 -8.08
C PRO A 6 -5.69 3.59 -6.60
N GLN A 7 -6.08 4.83 -6.28
CA GLN A 7 -6.12 5.29 -4.90
C GLN A 7 -7.37 4.79 -4.20
N ASN A 8 -8.37 4.38 -5.00
CA ASN A 8 -9.63 3.89 -4.45
C ASN A 8 -9.39 2.67 -3.57
N VAL A 9 -8.54 1.77 -4.04
CA VAL A 9 -8.22 0.55 -3.30
C VAL A 9 -7.08 0.78 -2.31
N CYS A 10 -6.15 1.66 -2.69
CA CYS A 10 -5.01 1.97 -1.84
C CYS A 10 -5.44 2.76 -0.62
N GLU A 11 -6.51 3.55 -0.78
CA GLU A 11 -7.02 4.37 0.32
C GLU A 11 -7.35 3.51 1.53
N GLN A 12 -8.28 2.57 1.34
CA GLN A 12 -8.67 1.67 2.42
C GLN A 12 -7.47 1.00 3.06
N MET A 13 -6.45 0.73 2.25
CA MET A 13 -5.23 0.10 2.74
C MET A 13 -4.50 1.01 3.71
N LYS A 14 -4.54 2.31 3.44
CA LYS A 14 -3.88 3.30 4.29
C LYS A 14 -4.62 3.46 5.61
N LYS A 15 -5.92 3.68 5.53
CA LYS A 15 -6.76 3.85 6.71
C LYS A 15 -6.80 2.57 7.54
N ASN A 16 -6.66 1.44 6.87
CA ASN A 16 -6.69 0.14 7.54
C ASN A 16 -5.41 -0.09 8.33
N GLY A 17 -4.30 0.42 7.79
CA GLY A 17 -3.01 0.25 8.45
C GLY A 17 -2.24 -0.93 7.92
N LYS A 18 -2.52 -1.33 6.69
CA LYS A 18 -1.84 -2.45 6.07
C LYS A 18 -0.37 -2.14 5.83
N CYS A 19 -0.09 -0.94 5.33
CA CYS A 19 1.28 -0.51 5.06
C CYS A 19 2.16 -0.74 6.27
N GLY A 20 1.59 -0.58 7.47
CA GLY A 20 2.35 -0.78 8.69
C GLY A 20 2.22 -2.19 9.24
N ASP A 21 1.06 -2.80 9.02
CA ASP A 21 0.81 -4.16 9.49
C ASP A 21 1.90 -5.11 9.01
N PRO A 22 2.17 -6.15 9.81
CA PRO A 22 3.19 -7.15 9.47
C PRO A 22 2.79 -8.04 8.30
N ARG A 23 1.56 -8.54 8.35
CA ARG A 23 1.04 -9.40 7.29
C ARG A 23 1.02 -8.67 5.95
N MET A 24 0.73 -7.37 6.00
CA MET A 24 0.68 -6.55 4.80
C MET A 24 1.93 -5.69 4.67
N SER A 25 3.10 -6.33 4.77
CA SER A 25 4.37 -5.62 4.67
C SER A 25 4.92 -5.70 3.26
N THR A 26 5.05 -6.92 2.74
CA THR A 26 5.55 -7.14 1.39
C THR A 26 4.47 -6.95 0.35
N ILE A 27 3.21 -7.04 0.78
CA ILE A 27 2.08 -6.87 -0.11
C ILE A 27 1.70 -5.41 -0.26
N ALA A 28 1.76 -4.68 0.85
CA ALA A 28 1.43 -3.25 0.85
C ALA A 28 2.51 -2.43 0.13
N GLU A 29 3.73 -2.97 0.11
CA GLU A 29 4.84 -2.28 -0.54
C GLU A 29 4.80 -2.49 -2.05
N LEU A 30 4.29 -3.64 -2.47
CA LEU A 30 4.19 -3.94 -3.90
C LEU A 30 2.86 -3.47 -4.46
N GLN A 31 1.80 -3.60 -3.66
CA GLN A 31 0.47 -3.17 -4.09
C GLN A 31 0.34 -1.66 -4.06
N CYS A 32 0.83 -1.05 -2.98
CA CYS A 32 0.76 0.40 -2.82
C CYS A 32 2.14 0.96 -2.44
N PRO A 33 3.06 0.94 -3.40
CA PRO A 33 4.43 1.45 -3.18
C PRO A 33 4.47 2.97 -3.04
N LYS A 34 3.53 3.65 -3.70
CA LYS A 34 3.45 5.10 -3.65
C LYS A 34 2.65 5.55 -2.43
N THR A 35 1.52 4.90 -2.20
CA THR A 35 0.66 5.23 -1.07
C THR A 35 1.34 4.94 0.25
N CYS A 36 2.01 3.79 0.32
CA CYS A 36 2.72 3.38 1.53
C CYS A 36 4.09 4.04 1.61
N GLY A 37 4.57 4.53 0.48
CA GLY A 37 5.87 5.19 0.44
C GLY A 37 7.01 4.20 0.53
N LYS A 38 6.84 3.04 -0.11
CA LYS A 38 7.87 2.01 -0.10
C LYS A 38 8.66 2.03 -1.41
N CYS A 39 8.88 3.22 -1.94
CA CYS A 39 9.63 3.37 -3.19
C CYS A 39 11.01 2.73 -3.08
N NH2 A 40 11.71 3.03 -1.99
HN1 NH2 A 40 11.32 3.62 -1.32
N CYS A 1 8.61 6.20 -7.79
CA CYS A 1 7.71 5.41 -8.64
C CYS A 1 6.26 5.60 -8.23
N ARG A 2 5.35 4.92 -8.93
CA ARG A 2 3.93 5.02 -8.64
C ARG A 2 3.34 3.65 -8.35
N ASP A 3 2.03 3.61 -8.17
CA ASP A 3 1.33 2.35 -7.88
C ASP A 3 0.54 1.88 -9.10
N ARG A 4 0.37 0.57 -9.22
CA ARG A 4 -0.35 -0.01 -10.34
C ARG A 4 -1.86 0.21 -10.18
N ILE A 5 -2.30 0.32 -8.94
CA ILE A 5 -3.72 0.53 -8.65
C ILE A 5 -3.99 1.98 -8.26
N PRO A 6 -5.26 2.40 -8.39
CA PRO A 6 -5.67 3.77 -8.06
C PRO A 6 -5.63 4.04 -6.56
N GLN A 7 -5.88 5.28 -6.18
CA GLN A 7 -5.87 5.67 -4.77
C GLN A 7 -7.18 5.28 -4.10
N ASN A 8 -8.27 5.31 -4.86
CA ASN A 8 -9.58 4.96 -4.33
C ASN A 8 -9.55 3.58 -3.66
N VAL A 9 -8.78 2.67 -4.24
CA VAL A 9 -8.67 1.32 -3.69
C VAL A 9 -7.55 1.25 -2.65
N CYS A 10 -6.47 1.97 -2.89
CA CYS A 10 -5.34 1.99 -1.99
C CYS A 10 -5.73 2.62 -0.64
N GLU A 11 -6.70 3.52 -0.68
CA GLU A 11 -7.16 4.20 0.52
C GLU A 11 -7.51 3.19 1.61
N GLN A 12 -8.23 2.14 1.23
CA GLN A 12 -8.63 1.10 2.17
C GLN A 12 -7.41 0.47 2.83
N MET A 13 -6.31 0.40 2.09
CA MET A 13 -5.07 -0.18 2.61
C MET A 13 -4.40 0.77 3.61
N LYS A 14 -4.35 2.05 3.26
CA LYS A 14 -3.74 3.05 4.11
C LYS A 14 -4.51 3.20 5.41
N LYS A 15 -5.83 3.33 5.29
CA LYS A 15 -6.68 3.49 6.47
C LYS A 15 -6.67 2.22 7.32
N ASN A 16 -6.44 1.08 6.68
CA ASN A 16 -6.41 -0.19 7.38
C ASN A 16 -5.11 -0.33 8.18
N GLY A 17 -4.02 0.20 7.63
CA GLY A 17 -2.73 0.12 8.30
C GLY A 17 -1.88 -1.01 7.79
N LYS A 18 -2.12 -1.42 6.55
CA LYS A 18 -1.36 -2.51 5.93
C LYS A 18 0.09 -2.09 5.72
N CYS A 19 0.29 -0.82 5.38
CA CYS A 19 1.64 -0.31 5.14
C CYS A 19 2.53 -0.54 6.36
N GLY A 20 1.94 -0.45 7.54
CA GLY A 20 2.71 -0.66 8.76
C GLY A 20 2.73 -2.11 9.19
N ASP A 21 1.62 -2.81 8.98
CA ASP A 21 1.51 -4.21 9.34
C ASP A 21 2.44 -5.07 8.48
N PRO A 22 3.22 -5.94 9.14
CA PRO A 22 4.16 -6.83 8.46
C PRO A 22 3.45 -7.92 7.66
N ARG A 23 2.38 -8.45 8.22
CA ARG A 23 1.60 -9.51 7.57
C ARG A 23 1.16 -9.06 6.17
N MET A 24 0.89 -7.76 6.03
CA MET A 24 0.46 -7.21 4.75
C MET A 24 1.42 -6.14 4.26
N SER A 25 2.71 -6.40 4.43
CA SER A 25 3.74 -5.45 4.00
C SER A 25 4.17 -5.71 2.57
N THR A 26 4.39 -6.98 2.25
CA THR A 26 4.81 -7.37 0.91
C THR A 26 3.73 -7.04 -0.12
N ILE A 27 2.47 -7.20 0.28
CA ILE A 27 1.35 -6.91 -0.61
C ILE A 27 1.09 -5.41 -0.70
N ALA A 28 1.06 -4.75 0.45
CA ALA A 28 0.83 -3.31 0.51
C ALA A 28 1.89 -2.55 -0.28
N GLU A 29 3.06 -3.16 -0.42
CA GLU A 29 4.16 -2.54 -1.15
C GLU A 29 3.96 -2.68 -2.66
N LEU A 30 3.76 -3.91 -3.11
CA LEU A 30 3.57 -4.19 -4.53
C LEU A 30 2.26 -3.58 -5.02
N GLN A 31 1.24 -3.59 -4.16
CA GLN A 31 -0.07 -3.04 -4.51
C GLN A 31 -0.06 -1.52 -4.36
N CYS A 32 0.46 -1.04 -3.24
CA CYS A 32 0.52 0.39 -2.97
C CYS A 32 1.90 0.80 -2.49
N PRO A 33 2.88 0.80 -3.41
CA PRO A 33 4.26 1.18 -3.10
C PRO A 33 4.41 2.66 -2.79
N LYS A 34 3.82 3.51 -3.64
CA LYS A 34 3.88 4.95 -3.45
C LYS A 34 3.03 5.39 -2.27
N THR A 35 1.81 4.87 -2.20
CA THR A 35 0.90 5.20 -1.13
C THR A 35 1.54 4.98 0.24
N CYS A 36 2.26 3.86 0.37
CA CYS A 36 2.93 3.52 1.62
C CYS A 36 4.32 4.15 1.67
N GLY A 37 4.84 4.53 0.50
CA GLY A 37 6.15 5.14 0.44
C GLY A 37 7.26 4.16 0.74
N LYS A 38 7.28 3.04 0.02
CA LYS A 38 8.30 2.01 0.21
C LYS A 38 8.95 1.64 -1.12
N CYS A 39 9.17 2.65 -1.96
CA CYS A 39 9.80 2.44 -3.27
C CYS A 39 11.31 2.51 -3.16
N NH2 A 40 11.97 1.35 -3.19
HN1 NH2 A 40 11.45 0.52 -3.27
N CYS A 1 7.54 4.54 -9.37
CA CYS A 1 7.23 4.73 -7.95
C CYS A 1 5.72 4.65 -7.72
N ARG A 2 4.94 5.14 -8.67
CA ARG A 2 3.49 5.12 -8.58
C ARG A 2 2.99 3.72 -8.28
N ASP A 3 1.69 3.60 -8.00
CA ASP A 3 1.09 2.31 -7.70
C ASP A 3 0.25 1.81 -8.88
N ARG A 4 0.35 0.52 -9.17
CA ARG A 4 -0.40 -0.08 -10.27
C ARG A 4 -1.89 0.11 -10.08
N ILE A 5 -2.32 0.16 -8.81
CA ILE A 5 -3.73 0.34 -8.50
C ILE A 5 -4.03 1.78 -8.08
N PRO A 6 -5.30 2.18 -8.20
CA PRO A 6 -5.74 3.53 -7.83
C PRO A 6 -5.71 3.76 -6.33
N GLN A 7 -5.94 5.00 -5.91
CA GLN A 7 -5.94 5.35 -4.50
C GLN A 7 -7.24 4.92 -3.84
N ASN A 8 -8.30 4.83 -4.64
CA ASN A 8 -9.61 4.43 -4.12
C ASN A 8 -9.53 3.07 -3.42
N VAL A 9 -8.76 2.16 -4.00
CA VAL A 9 -8.60 0.83 -3.42
C VAL A 9 -7.49 0.80 -2.39
N CYS A 10 -6.44 1.58 -2.64
CA CYS A 10 -5.30 1.65 -1.73
C CYS A 10 -5.70 2.31 -0.41
N GLU A 11 -6.69 3.19 -0.46
CA GLU A 11 -7.17 3.87 0.73
C GLU A 11 -7.47 2.88 1.84
N GLN A 12 -8.32 1.89 1.54
CA GLN A 12 -8.69 0.88 2.52
C GLN A 12 -7.46 0.27 3.16
N MET A 13 -6.37 0.19 2.40
CA MET A 13 -5.12 -0.38 2.90
C MET A 13 -4.35 0.64 3.73
N LYS A 14 -4.43 1.91 3.32
CA LYS A 14 -3.75 2.98 4.03
C LYS A 14 -4.39 3.24 5.39
N LYS A 15 -5.71 3.37 5.40
CA LYS A 15 -6.45 3.62 6.62
C LYS A 15 -6.36 2.42 7.57
N ASN A 16 -6.21 1.24 6.99
CA ASN A 16 -6.11 0.01 7.78
C ASN A 16 -4.74 -0.09 8.43
N GLY A 17 -3.71 0.38 7.73
CA GLY A 17 -2.36 0.32 8.27
C GLY A 17 -1.57 -0.84 7.71
N LYS A 18 -1.96 -1.31 6.54
CA LYS A 18 -1.27 -2.42 5.89
C LYS A 18 0.20 -2.12 5.68
N CYS A 19 0.49 -0.88 5.27
CA CYS A 19 1.87 -0.45 5.02
C CYS A 19 2.74 -0.75 6.23
N GLY A 20 2.16 -0.64 7.42
CA GLY A 20 2.91 -0.90 8.64
C GLY A 20 2.74 -2.32 9.14
N ASP A 21 1.56 -2.89 8.90
CA ASP A 21 1.27 -4.25 9.34
C ASP A 21 2.23 -5.24 8.70
N PRO A 22 2.69 -6.23 9.49
CA PRO A 22 3.63 -7.25 9.02
C PRO A 22 2.98 -8.22 8.03
N ARG A 23 1.80 -8.71 8.38
CA ARG A 23 1.08 -9.64 7.52
C ARG A 23 0.84 -9.03 6.14
N MET A 24 0.61 -7.72 6.10
CA MET A 24 0.36 -7.02 4.85
C MET A 24 1.48 -6.03 4.55
N SER A 25 2.72 -6.48 4.75
CA SER A 25 3.88 -5.63 4.50
C SER A 25 4.44 -5.86 3.10
N THR A 26 4.38 -7.11 2.65
CA THR A 26 4.88 -7.48 1.33
C THR A 26 3.85 -7.16 0.25
N ILE A 27 2.58 -7.31 0.59
CA ILE A 27 1.50 -7.04 -0.36
C ILE A 27 1.24 -5.54 -0.47
N ALA A 28 1.45 -4.82 0.63
CA ALA A 28 1.23 -3.37 0.65
C ALA A 28 2.36 -2.65 -0.07
N GLU A 29 3.52 -3.29 -0.16
CA GLU A 29 4.67 -2.71 -0.83
C GLU A 29 4.58 -2.90 -2.34
N LEU A 30 3.89 -3.95 -2.75
CA LEU A 30 3.73 -4.23 -4.17
C LEU A 30 2.42 -3.67 -4.71
N GLN A 31 1.37 -3.75 -3.89
CA GLN A 31 0.06 -3.25 -4.27
C GLN A 31 0.02 -1.73 -4.20
N CYS A 32 0.56 -1.17 -3.12
CA CYS A 32 0.58 0.28 -2.93
C CYS A 32 1.99 0.76 -2.58
N PRO A 33 2.91 0.70 -3.56
CA PRO A 33 4.30 1.12 -3.37
C PRO A 33 4.42 2.63 -3.21
N LYS A 34 3.55 3.37 -3.88
CA LYS A 34 3.56 4.82 -3.81
C LYS A 34 2.84 5.31 -2.55
N THR A 35 1.69 4.72 -2.27
CA THR A 35 0.91 5.09 -1.10
C THR A 35 1.69 4.87 0.19
N CYS A 36 2.39 3.74 0.26
CA CYS A 36 3.18 3.41 1.43
C CYS A 36 4.55 4.08 1.37
N GLY A 37 4.95 4.50 0.17
CA GLY A 37 6.23 5.15 0.00
C GLY A 37 7.40 4.19 0.13
N LYS A 38 7.57 3.34 -0.87
CA LYS A 38 8.65 2.35 -0.88
C LYS A 38 9.20 2.14 -2.28
N CYS A 39 9.25 3.22 -3.06
CA CYS A 39 9.76 3.16 -4.42
C CYS A 39 11.22 2.71 -4.44
N NH2 A 40 12.02 3.32 -3.58
HN1 NH2 A 40 11.65 4.01 -2.98
N CYS A 1 7.76 6.86 -9.08
CA CYS A 1 7.27 5.59 -8.57
C CYS A 1 5.79 5.68 -8.23
N ARG A 2 4.98 4.87 -8.91
CA ARG A 2 3.54 4.85 -8.69
C ARG A 2 3.06 3.46 -8.30
N ASP A 3 1.77 3.32 -8.07
CA ASP A 3 1.18 2.04 -7.69
C ASP A 3 0.39 1.44 -8.86
N ARG A 4 0.33 0.12 -8.91
CA ARG A 4 -0.38 -0.58 -9.97
C ARG A 4 -1.89 -0.40 -9.82
N ILE A 5 -2.34 -0.24 -8.58
CA ILE A 5 -3.76 -0.07 -8.29
C ILE A 5 -4.08 1.39 -8.01
N PRO A 6 -5.36 1.75 -8.16
CA PRO A 6 -5.83 3.12 -7.93
C PRO A 6 -5.82 3.50 -6.45
N GLN A 7 -6.06 4.77 -6.16
CA GLN A 7 -6.06 5.25 -4.79
C GLN A 7 -7.33 4.84 -4.07
N ASN A 8 -8.41 4.65 -4.84
CA ASN A 8 -9.69 4.25 -4.27
C ASN A 8 -9.54 2.99 -3.42
N VAL A 9 -8.77 2.04 -3.92
CA VAL A 9 -8.54 0.79 -3.21
C VAL A 9 -7.40 0.91 -2.21
N CYS A 10 -6.38 1.68 -2.58
CA CYS A 10 -5.21 1.88 -1.73
C CYS A 10 -5.61 2.66 -0.47
N GLU A 11 -6.68 3.43 -0.56
CA GLU A 11 -7.16 4.21 0.57
C GLU A 11 -7.47 3.32 1.76
N GLN A 12 -8.38 2.37 1.57
CA GLN A 12 -8.77 1.45 2.63
C GLN A 12 -7.55 0.80 3.26
N MET A 13 -6.51 0.60 2.45
CA MET A 13 -5.27 -0.01 2.93
C MET A 13 -4.55 0.91 3.91
N LYS A 14 -4.29 2.14 3.47
CA LYS A 14 -3.60 3.11 4.31
C LYS A 14 -4.32 3.28 5.64
N LYS A 15 -5.63 3.50 5.59
CA LYS A 15 -6.42 3.67 6.79
C LYS A 15 -6.45 2.39 7.62
N ASN A 16 -6.33 1.26 6.94
CA ASN A 16 -6.35 -0.03 7.62
C ASN A 16 -5.04 -0.26 8.39
N GLY A 17 -3.95 0.23 7.83
CA GLY A 17 -2.65 0.08 8.47
C GLY A 17 -1.83 -1.04 7.86
N LYS A 18 -2.11 -1.36 6.60
CA LYS A 18 -1.39 -2.42 5.90
C LYS A 18 0.08 -2.05 5.70
N CYS A 19 0.33 -0.77 5.45
CA CYS A 19 1.70 -0.28 5.25
C CYS A 19 2.57 -0.63 6.45
N GLY A 20 1.99 -0.59 7.64
CA GLY A 20 2.74 -0.90 8.84
C GLY A 20 2.58 -2.35 9.26
N ASP A 21 1.41 -2.91 9.00
CA ASP A 21 1.14 -4.31 9.34
C ASP A 21 2.10 -5.25 8.62
N PRO A 22 2.70 -6.18 9.38
CA PRO A 22 3.66 -7.15 8.82
C PRO A 22 2.97 -8.18 7.94
N ARG A 23 1.77 -8.59 8.32
CA ARG A 23 1.01 -9.58 7.56
C ARG A 23 0.82 -9.11 6.12
N MET A 24 0.71 -7.81 5.93
CA MET A 24 0.52 -7.24 4.60
C MET A 24 1.68 -6.30 4.24
N SER A 25 2.87 -6.65 4.69
CA SER A 25 4.06 -5.85 4.41
C SER A 25 4.65 -6.19 3.05
N THR A 26 4.59 -7.46 2.69
CA THR A 26 5.11 -7.92 1.41
C THR A 26 4.15 -7.59 0.27
N ILE A 27 2.86 -7.67 0.55
CA ILE A 27 1.84 -7.37 -0.46
C ILE A 27 1.72 -5.87 -0.69
N ALA A 28 1.38 -5.14 0.37
CA ALA A 28 1.24 -3.69 0.29
C ALA A 28 2.46 -3.05 -0.36
N GLU A 29 3.61 -3.70 -0.21
CA GLU A 29 4.85 -3.19 -0.79
C GLU A 29 4.73 -3.05 -2.30
N LEU A 30 4.02 -3.98 -2.92
CA LEU A 30 3.83 -3.96 -4.37
C LEU A 30 2.46 -3.38 -4.73
N GLN A 31 1.47 -3.67 -3.90
CA GLN A 31 0.11 -3.19 -4.12
C GLN A 31 0.05 -1.67 -4.03
N CYS A 32 0.57 -1.14 -2.92
CA CYS A 32 0.58 0.30 -2.71
C CYS A 32 1.94 0.78 -2.25
N PRO A 33 2.91 0.78 -3.18
CA PRO A 33 4.29 1.21 -2.90
C PRO A 33 4.38 2.71 -2.66
N LYS A 34 3.77 3.49 -3.54
CA LYS A 34 3.79 4.95 -3.43
C LYS A 34 2.93 5.40 -2.25
N THR A 35 1.73 4.86 -2.15
CA THR A 35 0.81 5.22 -1.08
C THR A 35 1.44 4.98 0.28
N CYS A 36 2.13 3.85 0.42
CA CYS A 36 2.80 3.50 1.67
C CYS A 36 4.14 4.20 1.79
N GLY A 37 4.67 4.67 0.66
CA GLY A 37 5.95 5.35 0.66
C GLY A 37 7.11 4.41 0.91
N LYS A 38 7.46 3.64 -0.12
CA LYS A 38 8.56 2.68 -0.01
C LYS A 38 9.53 2.84 -1.17
N CYS A 39 8.99 2.96 -2.38
CA CYS A 39 9.81 3.12 -3.58
C CYS A 39 10.79 4.28 -3.41
N NH2 A 40 10.32 5.36 -2.80
HN1 NH2 A 40 9.39 5.37 -2.48
N CYS A 1 7.59 4.08 -9.60
CA CYS A 1 7.39 4.38 -8.18
C CYS A 1 5.91 4.38 -7.82
N ARG A 2 5.09 4.86 -8.76
CA ARG A 2 3.65 4.92 -8.53
C ARG A 2 3.08 3.53 -8.22
N ASP A 3 1.77 3.46 -8.03
CA ASP A 3 1.11 2.20 -7.74
C ASP A 3 0.33 1.69 -8.96
N ARG A 4 0.43 0.40 -9.21
CA ARG A 4 -0.25 -0.22 -10.34
C ARG A 4 -1.77 0.02 -10.26
N ILE A 5 -2.26 0.21 -9.04
CA ILE A 5 -3.68 0.44 -8.82
C ILE A 5 -3.94 1.90 -8.42
N PRO A 6 -5.18 2.35 -8.61
CA PRO A 6 -5.59 3.72 -8.27
C PRO A 6 -5.63 3.95 -6.76
N GLN A 7 -5.78 5.21 -6.37
CA GLN A 7 -5.83 5.57 -4.96
C GLN A 7 -7.17 5.16 -4.34
N ASN A 8 -8.19 5.03 -5.19
CA ASN A 8 -9.51 4.64 -4.72
C ASN A 8 -9.46 3.34 -3.93
N VAL A 9 -8.68 2.38 -4.43
CA VAL A 9 -8.54 1.09 -3.77
C VAL A 9 -7.43 1.13 -2.72
N CYS A 10 -6.36 1.86 -3.02
CA CYS A 10 -5.23 1.98 -2.12
C CYS A 10 -5.63 2.71 -0.84
N GLU A 11 -6.71 3.51 -0.94
CA GLU A 11 -7.19 4.27 0.21
C GLU A 11 -7.53 3.33 1.37
N GLN A 12 -8.45 2.42 1.15
CA GLN A 12 -8.86 1.47 2.18
C GLN A 12 -7.65 0.78 2.80
N MET A 13 -6.61 0.58 2.00
CA MET A 13 -5.39 -0.05 2.47
C MET A 13 -4.67 0.82 3.49
N LYS A 14 -4.55 2.10 3.18
CA LYS A 14 -3.88 3.05 4.06
C LYS A 14 -4.60 3.13 5.40
N LYS A 15 -5.92 3.31 5.35
CA LYS A 15 -6.72 3.40 6.56
C LYS A 15 -6.71 2.08 7.33
N ASN A 16 -6.55 0.98 6.61
CA ASN A 16 -6.51 -0.34 7.22
C ASN A 16 -5.30 -0.48 8.14
N GLY A 17 -4.20 0.14 7.75
CA GLY A 17 -2.98 0.07 8.56
C GLY A 17 -2.17 -1.17 8.27
N LYS A 18 -2.33 -1.72 7.08
CA LYS A 18 -1.60 -2.93 6.69
C LYS A 18 -0.19 -2.57 6.23
N CYS A 19 -0.04 -1.42 5.59
CA CYS A 19 1.27 -0.98 5.11
C CYS A 19 2.31 -1.03 6.22
N GLY A 20 1.86 -0.78 7.46
CA GLY A 20 2.77 -0.82 8.59
C GLY A 20 2.98 -2.22 9.12
N ASP A 21 1.93 -3.04 9.05
CA ASP A 21 2.00 -4.41 9.53
C ASP A 21 2.83 -5.28 8.59
N PRO A 22 3.72 -6.09 9.18
CA PRO A 22 4.58 -6.99 8.41
C PRO A 22 3.81 -8.13 7.76
N ARG A 23 2.80 -8.61 8.46
CA ARG A 23 1.97 -9.71 7.94
C ARG A 23 1.40 -9.36 6.58
N MET A 24 1.07 -8.09 6.39
CA MET A 24 0.51 -7.63 5.11
C MET A 24 1.32 -6.47 4.55
N SER A 25 2.64 -6.59 4.62
CA SER A 25 3.53 -5.54 4.12
C SER A 25 3.98 -5.85 2.69
N THR A 26 4.18 -7.13 2.40
CA THR A 26 4.61 -7.55 1.07
C THR A 26 3.55 -7.22 0.03
N ILE A 27 2.29 -7.27 0.43
CA ILE A 27 1.19 -6.97 -0.48
C ILE A 27 0.96 -5.47 -0.57
N ALA A 28 1.17 -4.76 0.53
CA ALA A 28 0.99 -3.32 0.57
C ALA A 28 2.10 -2.60 -0.20
N GLU A 29 3.26 -3.26 -0.29
CA GLU A 29 4.41 -2.68 -1.00
C GLU A 29 4.29 -2.89 -2.50
N LEU A 30 3.64 -3.99 -2.89
CA LEU A 30 3.45 -4.31 -4.30
C LEU A 30 2.15 -3.72 -4.83
N GLN A 31 1.13 -3.68 -3.97
CA GLN A 31 -0.17 -3.14 -4.36
C GLN A 31 -0.16 -1.62 -4.27
N CYS A 32 0.51 -1.10 -3.25
CA CYS A 32 0.59 0.35 -3.05
C CYS A 32 1.97 0.75 -2.56
N PRO A 33 2.94 0.75 -3.48
CA PRO A 33 4.34 1.12 -3.17
C PRO A 33 4.49 2.61 -2.86
N LYS A 34 3.68 3.44 -3.52
CA LYS A 34 3.73 4.87 -3.32
C LYS A 34 2.86 5.28 -2.12
N THR A 35 1.65 4.72 -2.05
CA THR A 35 0.73 5.03 -0.96
C THR A 35 1.32 4.61 0.38
N CYS A 36 1.93 3.44 0.41
CA CYS A 36 2.54 2.92 1.64
C CYS A 36 3.94 3.51 1.84
N GLY A 37 4.52 4.04 0.77
CA GLY A 37 5.84 4.63 0.85
C GLY A 37 6.92 3.58 1.02
N LYS A 38 7.23 2.87 -0.06
CA LYS A 38 8.26 1.83 -0.03
C LYS A 38 8.96 1.73 -1.39
N CYS A 39 9.15 2.86 -2.04
CA CYS A 39 9.81 2.90 -3.34
C CYS A 39 11.23 2.32 -3.25
N NH2 A 40 11.42 1.13 -3.81
HN1 NH2 A 40 10.66 0.69 -4.25
N CYS A 1 7.67 2.81 -10.03
CA CYS A 1 7.60 2.94 -8.58
C CYS A 1 6.18 3.21 -8.12
N ARG A 2 5.44 3.95 -8.94
CA ARG A 2 4.05 4.28 -8.61
C ARG A 2 3.24 3.03 -8.31
N ASP A 3 1.99 3.21 -7.91
CA ASP A 3 1.11 2.09 -7.60
C ASP A 3 0.31 1.67 -8.84
N ARG A 4 0.38 0.38 -9.16
CA ARG A 4 -0.33 -0.15 -10.32
C ARG A 4 -1.84 -0.01 -10.13
N ILE A 5 -2.29 -0.07 -8.88
CA ILE A 5 -3.71 0.05 -8.57
C ILE A 5 -4.08 1.48 -8.23
N PRO A 6 -5.37 1.82 -8.37
CA PRO A 6 -5.88 3.16 -8.07
C PRO A 6 -5.86 3.47 -6.58
N GLN A 7 -6.07 4.74 -6.25
CA GLN A 7 -6.07 5.17 -4.85
C GLN A 7 -7.33 4.69 -4.13
N ASN A 8 -8.34 4.33 -4.91
CA ASN A 8 -9.61 3.84 -4.35
C ASN A 8 -9.37 2.62 -3.47
N VAL A 9 -8.52 1.71 -3.94
CA VAL A 9 -8.22 0.49 -3.20
C VAL A 9 -7.07 0.73 -2.23
N CYS A 10 -6.11 1.57 -2.62
CA CYS A 10 -4.96 1.87 -1.78
C CYS A 10 -5.38 2.67 -0.55
N GLU A 11 -6.47 3.42 -0.69
CA GLU A 11 -6.98 4.24 0.41
C GLU A 11 -7.28 3.37 1.63
N GLN A 12 -8.21 2.44 1.46
CA GLN A 12 -8.60 1.54 2.55
C GLN A 12 -7.37 0.88 3.18
N MET A 13 -6.37 0.63 2.35
CA MET A 13 -5.13 -0.01 2.82
C MET A 13 -4.38 0.91 3.78
N LYS A 14 -4.41 2.21 3.49
CA LYS A 14 -3.74 3.19 4.35
C LYS A 14 -4.47 3.36 5.67
N LYS A 15 -5.78 3.55 5.60
CA LYS A 15 -6.60 3.73 6.79
C LYS A 15 -6.62 2.45 7.63
N ASN A 16 -6.48 1.31 6.96
CA ASN A 16 -6.49 0.02 7.63
C ASN A 16 -5.17 -0.22 8.35
N GLY A 17 -4.09 0.26 7.76
CA GLY A 17 -2.77 0.08 8.36
C GLY A 17 -1.99 -1.06 7.74
N LYS A 18 -2.33 -1.40 6.50
CA LYS A 18 -1.66 -2.48 5.79
C LYS A 18 -0.25 -2.07 5.38
N CYS A 19 -0.08 -0.79 5.06
CA CYS A 19 1.22 -0.27 4.65
C CYS A 19 2.31 -0.67 5.64
N GLY A 20 1.94 -0.71 6.93
CA GLY A 20 2.90 -1.08 7.95
C GLY A 20 2.49 -2.35 8.68
N ASP A 21 1.82 -3.25 7.98
CA ASP A 21 1.38 -4.51 8.57
C ASP A 21 2.46 -5.58 8.43
N PRO A 22 2.46 -6.55 9.36
CA PRO A 22 3.44 -7.63 9.37
C PRO A 22 3.22 -8.61 8.21
N ARG A 23 1.97 -9.02 8.02
CA ARG A 23 1.63 -9.96 6.96
C ARG A 23 1.37 -9.21 5.65
N MET A 24 0.80 -8.02 5.75
CA MET A 24 0.50 -7.21 4.58
C MET A 24 1.63 -6.21 4.30
N SER A 25 2.85 -6.64 4.56
CA SER A 25 4.02 -5.79 4.34
C SER A 25 4.46 -5.84 2.88
N THR A 26 5.11 -6.93 2.50
CA THR A 26 5.57 -7.11 1.13
C THR A 26 4.45 -6.86 0.13
N ILE A 27 3.23 -7.20 0.52
CA ILE A 27 2.08 -7.01 -0.34
C ILE A 27 1.72 -5.53 -0.48
N ALA A 28 1.91 -4.79 0.61
CA ALA A 28 1.61 -3.37 0.61
C ALA A 28 2.62 -2.59 -0.22
N GLU A 29 3.83 -3.13 -0.33
CA GLU A 29 4.89 -2.49 -1.09
C GLU A 29 4.69 -2.71 -2.60
N LEU A 30 4.17 -3.88 -2.95
CA LEU A 30 3.93 -4.21 -4.36
C LEU A 30 2.56 -3.70 -4.79
N GLN A 31 1.59 -3.76 -3.88
CA GLN A 31 0.23 -3.31 -4.18
C GLN A 31 0.14 -1.79 -4.11
N CYS A 32 0.79 -1.21 -3.11
CA CYS A 32 0.78 0.24 -2.93
C CYS A 32 2.17 0.76 -2.59
N PRO A 33 3.05 0.79 -3.60
CA PRO A 33 4.43 1.27 -3.44
C PRO A 33 4.50 2.77 -3.19
N LYS A 34 3.56 3.51 -3.77
CA LYS A 34 3.51 4.96 -3.61
C LYS A 34 2.70 5.34 -2.38
N THR A 35 1.47 4.87 -2.31
CA THR A 35 0.59 5.17 -1.19
C THR A 35 1.28 4.87 0.14
N CYS A 36 2.10 3.82 0.15
CA CYS A 36 2.82 3.43 1.35
C CYS A 36 4.19 4.09 1.41
N GLY A 37 4.66 4.57 0.26
CA GLY A 37 5.96 5.21 0.19
C GLY A 37 7.10 4.24 0.38
N LYS A 38 7.39 3.44 -0.64
CA LYS A 38 8.47 2.47 -0.58
C LYS A 38 9.16 2.33 -1.94
N CYS A 39 9.22 3.43 -2.68
CA CYS A 39 9.85 3.43 -3.99
C CYS A 39 11.29 2.94 -3.90
N NH2 A 40 12.11 3.67 -3.16
HN1 NH2 A 40 11.77 4.48 -2.72
N CYS A 1 7.51 4.00 -9.16
CA CYS A 1 7.11 4.28 -7.78
C CYS A 1 5.59 4.24 -7.64
N ARG A 2 4.88 4.69 -8.68
CA ARG A 2 3.44 4.72 -8.67
C ARG A 2 2.87 3.36 -8.28
N ASP A 3 1.57 3.32 -8.00
CA ASP A 3 0.91 2.08 -7.61
C ASP A 3 0.11 1.51 -8.77
N ARG A 4 0.30 0.21 -9.02
CA ARG A 4 -0.39 -0.46 -10.11
C ARG A 4 -1.91 -0.34 -9.95
N ILE A 5 -2.36 -0.24 -8.71
CA ILE A 5 -3.79 -0.12 -8.42
C ILE A 5 -4.16 1.32 -8.09
N PRO A 6 -5.44 1.65 -8.25
CA PRO A 6 -5.96 3.00 -7.98
C PRO A 6 -5.96 3.33 -6.49
N GLN A 7 -6.20 4.60 -6.17
CA GLN A 7 -6.23 5.04 -4.78
C GLN A 7 -7.49 4.56 -4.08
N ASN A 8 -8.50 4.18 -4.87
CA ASN A 8 -9.76 3.70 -4.31
C ASN A 8 -9.54 2.49 -3.42
N VAL A 9 -8.69 1.57 -3.88
CA VAL A 9 -8.38 0.37 -3.13
C VAL A 9 -7.24 0.60 -2.14
N CYS A 10 -6.27 1.42 -2.55
CA CYS A 10 -5.13 1.74 -1.71
C CYS A 10 -5.56 2.53 -0.48
N GLU A 11 -6.62 3.31 -0.63
CA GLU A 11 -7.13 4.13 0.47
C GLU A 11 -7.42 3.26 1.69
N GLN A 12 -8.33 2.32 1.54
CA GLN A 12 -8.69 1.42 2.64
C GLN A 12 -7.46 0.73 3.21
N MET A 13 -6.49 0.46 2.34
CA MET A 13 -5.26 -0.20 2.75
C MET A 13 -4.43 0.71 3.67
N LYS A 14 -4.46 2.00 3.37
CA LYS A 14 -3.72 2.98 4.17
C LYS A 14 -4.42 3.25 5.50
N LYS A 15 -5.74 3.34 5.45
CA LYS A 15 -6.52 3.59 6.66
C LYS A 15 -6.42 2.42 7.63
N ASN A 16 -6.22 1.22 7.10
CA ASN A 16 -6.10 0.02 7.92
C ASN A 16 -4.69 -0.08 8.51
N GLY A 17 -3.70 0.37 7.76
CA GLY A 17 -2.32 0.31 8.23
C GLY A 17 -1.56 -0.85 7.62
N LYS A 18 -1.99 -1.30 6.46
CA LYS A 18 -1.34 -2.41 5.78
C LYS A 18 0.13 -2.09 5.49
N CYS A 19 0.40 -0.82 5.18
CA CYS A 19 1.76 -0.39 4.89
C CYS A 19 2.71 -0.78 6.02
N GLY A 20 2.20 -0.75 7.25
CA GLY A 20 3.02 -1.11 8.40
C GLY A 20 2.80 -2.54 8.84
N ASP A 21 1.59 -3.04 8.65
CA ASP A 21 1.24 -4.40 9.04
C ASP A 21 2.25 -5.39 8.46
N PRO A 22 2.56 -6.44 9.24
CA PRO A 22 3.52 -7.48 8.84
C PRO A 22 2.97 -8.34 7.71
N ARG A 23 1.73 -8.81 7.85
CA ARG A 23 1.11 -9.64 6.84
C ARG A 23 1.03 -8.92 5.49
N MET A 24 0.81 -7.61 5.56
CA MET A 24 0.72 -6.79 4.35
C MET A 24 1.97 -5.94 4.16
N SER A 25 3.11 -6.50 4.55
CA SER A 25 4.38 -5.78 4.43
C SER A 25 4.98 -5.98 3.04
N THR A 26 4.96 -7.22 2.57
CA THR A 26 5.51 -7.54 1.26
C THR A 26 4.50 -7.24 0.15
N ILE A 27 3.22 -7.43 0.46
CA ILE A 27 2.16 -7.17 -0.51
C ILE A 27 2.00 -5.68 -0.75
N ALA A 28 1.70 -4.94 0.30
CA ALA A 28 1.51 -3.50 0.21
C ALA A 28 2.69 -2.84 -0.53
N GLU A 29 3.85 -3.45 -0.43
CA GLU A 29 5.05 -2.94 -1.08
C GLU A 29 4.84 -2.82 -2.59
N LEU A 30 4.15 -3.80 -3.16
CA LEU A 30 3.88 -3.81 -4.60
C LEU A 30 2.48 -3.27 -4.89
N GLN A 31 1.55 -3.56 -4.00
CA GLN A 31 0.16 -3.10 -4.16
C GLN A 31 0.09 -1.59 -4.10
N CYS A 32 0.70 -1.01 -3.06
CA CYS A 32 0.70 0.43 -2.88
C CYS A 32 2.09 0.94 -2.50
N PRO A 33 3.01 0.95 -3.47
CA PRO A 33 4.38 1.40 -3.26
C PRO A 33 4.47 2.90 -3.03
N LYS A 34 3.57 3.65 -3.67
CA LYS A 34 3.54 5.10 -3.53
C LYS A 34 2.81 5.51 -2.25
N THR A 35 1.56 5.11 -2.14
CA THR A 35 0.75 5.43 -0.97
C THR A 35 1.49 5.08 0.32
N CYS A 36 2.25 3.99 0.28
CA CYS A 36 3.00 3.54 1.45
C CYS A 36 4.41 4.12 1.44
N GLY A 37 4.85 4.58 0.27
CA GLY A 37 6.18 5.16 0.15
C GLY A 37 7.28 4.14 0.39
N LYS A 38 7.49 3.28 -0.60
CA LYS A 38 8.52 2.24 -0.49
C LYS A 38 9.19 2.01 -1.84
N CYS A 39 9.36 3.08 -2.62
CA CYS A 39 9.99 2.98 -3.93
C CYS A 39 11.51 2.94 -3.80
N NH2 A 40 12.09 1.81 -4.16
HN1 NH2 A 40 11.54 1.06 -4.48
N CYS A 1 8.25 5.65 -6.86
CA CYS A 1 7.55 4.75 -7.75
C CYS A 1 6.04 4.80 -7.49
N ARG A 2 5.25 4.70 -8.56
CA ARG A 2 3.80 4.72 -8.44
C ARG A 2 3.25 3.34 -8.11
N ASP A 3 1.93 3.25 -7.96
CA ASP A 3 1.28 1.99 -7.64
C ASP A 3 0.56 1.42 -8.85
N ARG A 4 0.72 0.13 -9.08
CA ARG A 4 0.09 -0.54 -10.21
C ARG A 4 -1.43 -0.36 -10.16
N ILE A 5 -1.95 -0.13 -8.97
CA ILE A 5 -3.39 0.06 -8.79
C ILE A 5 -3.73 1.52 -8.52
N PRO A 6 -5.00 1.89 -8.74
CA PRO A 6 -5.47 3.25 -8.52
C PRO A 6 -5.52 3.63 -7.05
N GLN A 7 -5.80 4.90 -6.77
CA GLN A 7 -5.87 5.38 -5.38
C GLN A 7 -7.19 4.99 -4.74
N ASN A 8 -8.22 4.83 -5.57
CA ASN A 8 -9.54 4.46 -5.08
C ASN A 8 -9.47 3.17 -4.25
N VAL A 9 -8.64 2.24 -4.68
CA VAL A 9 -8.47 0.98 -3.98
C VAL A 9 -7.40 1.08 -2.90
N CYS A 10 -6.33 1.82 -3.20
CA CYS A 10 -5.23 2.00 -2.26
C CYS A 10 -5.70 2.76 -1.02
N GLU A 11 -6.67 3.64 -1.20
CA GLU A 11 -7.21 4.43 -0.11
C GLU A 11 -7.55 3.54 1.09
N GLN A 12 -8.11 2.37 0.80
CA GLN A 12 -8.48 1.43 1.85
C GLN A 12 -7.25 0.83 2.51
N MET A 13 -6.26 0.45 1.69
CA MET A 13 -5.03 -0.13 2.20
C MET A 13 -4.34 0.81 3.19
N LYS A 14 -4.43 2.11 2.92
CA LYS A 14 -3.81 3.12 3.78
C LYS A 14 -4.75 3.48 4.93
N LYS A 15 -6.04 3.56 4.63
CA LYS A 15 -7.03 3.90 5.65
C LYS A 15 -7.13 2.81 6.71
N ASN A 16 -6.85 1.57 6.30
CA ASN A 16 -6.90 0.44 7.22
C ASN A 16 -5.67 0.41 8.12
N GLY A 17 -4.52 0.79 7.56
CA GLY A 17 -3.29 0.80 8.33
C GLY A 17 -2.48 -0.47 8.14
N LYS A 18 -2.68 -1.13 7.00
CA LYS A 18 -1.97 -2.37 6.71
C LYS A 18 -0.53 -2.07 6.29
N CYS A 19 -0.30 -0.91 5.69
CA CYS A 19 1.02 -0.51 5.26
C CYS A 19 2.04 -0.71 6.37
N GLY A 20 1.61 -0.49 7.61
CA GLY A 20 2.50 -0.64 8.75
C GLY A 20 2.61 -2.09 9.20
N ASP A 21 1.52 -2.84 9.05
CA ASP A 21 1.52 -4.24 9.44
C ASP A 21 2.55 -5.04 8.67
N PRO A 22 3.33 -5.86 9.39
CA PRO A 22 4.37 -6.70 8.78
C PRO A 22 3.80 -7.82 7.93
N ARG A 23 2.64 -8.34 8.33
CA ARG A 23 1.99 -9.42 7.60
C ARG A 23 1.75 -9.02 6.15
N MET A 24 1.46 -7.73 5.94
CA MET A 24 1.21 -7.23 4.59
C MET A 24 2.36 -6.35 4.12
N SER A 25 3.58 -6.71 4.51
CA SER A 25 4.76 -5.95 4.13
C SER A 25 4.98 -6.01 2.62
N THR A 26 4.83 -7.20 2.06
CA THR A 26 5.00 -7.39 0.62
C THR A 26 3.75 -7.01 -0.15
N ILE A 27 2.59 -7.33 0.43
CA ILE A 27 1.31 -7.03 -0.20
C ILE A 27 1.09 -5.52 -0.28
N ALA A 28 1.15 -4.85 0.87
CA ALA A 28 0.96 -3.41 0.92
C ALA A 28 2.00 -2.68 0.08
N GLU A 29 3.15 -3.33 -0.13
CA GLU A 29 4.23 -2.74 -0.91
C GLU A 29 3.97 -2.94 -2.40
N LEU A 30 3.75 -4.18 -2.81
CA LEU A 30 3.50 -4.50 -4.22
C LEU A 30 2.20 -3.87 -4.69
N GLN A 31 1.20 -3.86 -3.81
CA GLN A 31 -0.10 -3.29 -4.13
C GLN A 31 -0.05 -1.76 -4.09
N CYS A 32 0.45 -1.22 -2.99
CA CYS A 32 0.54 0.22 -2.83
C CYS A 32 1.94 0.62 -2.34
N PRO A 33 2.92 0.58 -3.25
CA PRO A 33 4.31 0.92 -2.92
C PRO A 33 4.49 2.41 -2.66
N LYS A 34 3.67 3.23 -3.32
CA LYS A 34 3.74 4.67 -3.16
C LYS A 34 2.90 5.12 -1.97
N THR A 35 1.61 4.78 -1.99
CA THR A 35 0.70 5.14 -0.92
C THR A 35 1.27 4.75 0.45
N CYS A 36 1.97 3.62 0.49
CA CYS A 36 2.56 3.14 1.73
C CYS A 36 3.99 3.68 1.90
N GLY A 37 4.57 4.15 0.80
CA GLY A 37 5.92 4.69 0.85
C GLY A 37 6.94 3.66 1.28
N LYS A 38 7.29 2.76 0.36
CA LYS A 38 8.27 1.72 0.65
C LYS A 38 9.01 1.30 -0.62
N CYS A 39 9.27 2.28 -1.49
CA CYS A 39 9.98 2.02 -2.74
C CYS A 39 11.34 1.39 -2.47
N NH2 A 40 11.58 0.23 -3.07
HN1 NH2 A 40 10.89 -0.16 -3.65
N CYS A 1 7.92 7.16 -8.46
CA CYS A 1 7.38 5.81 -8.46
C CYS A 1 5.90 5.83 -8.04
N ARG A 2 5.05 5.23 -8.87
CA ARG A 2 3.62 5.18 -8.58
C ARG A 2 3.19 3.75 -8.25
N ASP A 3 1.90 3.59 -7.97
CA ASP A 3 1.36 2.28 -7.64
C ASP A 3 0.55 1.70 -8.81
N ARG A 4 0.71 0.41 -9.04
CA ARG A 4 0.00 -0.26 -10.12
C ARG A 4 -1.51 -0.11 -9.97
N ILE A 5 -1.96 0.00 -8.72
CA ILE A 5 -3.38 0.16 -8.43
C ILE A 5 -3.72 1.61 -8.11
N PRO A 6 -5.00 1.96 -8.26
CA PRO A 6 -5.49 3.32 -7.98
C PRO A 6 -5.48 3.65 -6.50
N GLN A 7 -5.80 4.89 -6.17
CA GLN A 7 -5.83 5.33 -4.77
C GLN A 7 -7.12 4.89 -4.09
N ASN A 8 -8.17 4.71 -4.88
CA ASN A 8 -9.46 4.28 -4.35
C ASN A 8 -9.32 2.99 -3.56
N VAL A 9 -8.51 2.07 -4.07
CA VAL A 9 -8.29 0.78 -3.41
C VAL A 9 -7.17 0.88 -2.39
N CYS A 10 -6.16 1.69 -2.68
CA CYS A 10 -5.03 1.88 -1.78
C CYS A 10 -5.46 2.60 -0.51
N GLU A 11 -6.54 3.38 -0.62
CA GLU A 11 -7.05 4.13 0.52
C GLU A 11 -7.30 3.21 1.71
N GLN A 12 -8.15 2.20 1.50
CA GLN A 12 -8.49 1.25 2.56
C GLN A 12 -7.22 0.63 3.15
N MET A 13 -6.20 0.45 2.30
CA MET A 13 -4.95 -0.13 2.74
C MET A 13 -4.21 0.81 3.69
N LYS A 14 -4.33 2.11 3.44
CA LYS A 14 -3.68 3.12 4.28
C LYS A 14 -4.44 3.31 5.58
N LYS A 15 -5.76 3.38 5.49
CA LYS A 15 -6.59 3.56 6.68
C LYS A 15 -6.50 2.34 7.60
N ASN A 16 -6.26 1.18 7.01
CA ASN A 16 -6.15 -0.05 7.78
C ASN A 16 -4.76 -0.18 8.41
N GLY A 17 -3.75 0.30 7.70
CA GLY A 17 -2.40 0.24 8.21
C GLY A 17 -1.62 -0.94 7.65
N LYS A 18 -2.03 -1.41 6.47
CA LYS A 18 -1.38 -2.54 5.83
C LYS A 18 0.08 -2.20 5.49
N CYS A 19 0.33 -0.93 5.18
CA CYS A 19 1.67 -0.48 4.84
C CYS A 19 2.68 -0.95 5.88
N GLY A 20 2.28 -0.90 7.15
CA GLY A 20 3.17 -1.31 8.22
C GLY A 20 2.68 -2.57 8.92
N ASP A 21 1.98 -3.42 8.18
CA ASP A 21 1.45 -4.67 8.73
C ASP A 21 2.48 -5.80 8.62
N PRO A 22 2.39 -6.77 9.53
CA PRO A 22 3.30 -7.91 9.55
C PRO A 22 3.08 -8.85 8.38
N ARG A 23 1.81 -9.15 8.09
CA ARG A 23 1.47 -10.04 6.98
C ARG A 23 1.29 -9.25 5.68
N MET A 24 0.77 -8.03 5.81
CA MET A 24 0.54 -7.19 4.65
C MET A 24 1.71 -6.22 4.44
N SER A 25 2.91 -6.68 4.78
CA SER A 25 4.11 -5.86 4.64
C SER A 25 4.51 -5.74 3.18
N THR A 26 4.89 -6.88 2.59
CA THR A 26 5.31 -6.91 1.19
C THR A 26 4.13 -6.63 0.26
N ILE A 27 2.94 -7.06 0.67
CA ILE A 27 1.74 -6.86 -0.13
C ILE A 27 1.42 -5.37 -0.27
N ALA A 28 1.50 -4.64 0.85
CA ALA A 28 1.22 -3.21 0.85
C ALA A 28 2.36 -2.43 0.18
N GLU A 29 3.55 -3.02 0.18
CA GLU A 29 4.71 -2.38 -0.43
C GLU A 29 4.75 -2.61 -1.93
N LEU A 30 4.23 -3.76 -2.35
CA LEU A 30 4.21 -4.10 -3.78
C LEU A 30 2.93 -3.60 -4.43
N GLN A 31 1.83 -3.69 -3.71
CA GLN A 31 0.53 -3.23 -4.22
C GLN A 31 0.42 -1.72 -4.15
N CYS A 32 0.82 -1.16 -3.02
CA CYS A 32 0.77 0.29 -2.82
C CYS A 32 2.14 0.84 -2.43
N PRO A 33 3.08 0.79 -3.39
CA PRO A 33 4.45 1.29 -3.17
C PRO A 33 4.51 2.80 -3.05
N LYS A 34 3.62 3.49 -3.77
CA LYS A 34 3.57 4.94 -3.75
C LYS A 34 2.76 5.43 -2.56
N THR A 35 1.62 4.80 -2.32
CA THR A 35 0.75 5.17 -1.22
C THR A 35 1.47 5.01 0.12
N CYS A 36 2.20 3.92 0.27
CA CYS A 36 2.93 3.65 1.50
C CYS A 36 4.32 4.28 1.46
N GLY A 37 4.78 4.61 0.25
CA GLY A 37 6.09 5.21 0.09
C GLY A 37 7.21 4.24 0.38
N LYS A 38 7.19 3.09 -0.30
CA LYS A 38 8.22 2.07 -0.12
C LYS A 38 8.97 1.81 -1.42
N CYS A 39 9.18 2.88 -2.20
CA CYS A 39 9.89 2.76 -3.47
C CYS A 39 10.93 3.87 -3.60
N NH2 A 40 11.75 3.78 -4.65
HN1 NH2 A 40 11.66 3.02 -5.27
N CYS A 1 7.54 5.85 -7.47
CA CYS A 1 6.94 4.88 -8.37
C CYS A 1 5.45 4.71 -8.11
N ARG A 2 4.63 5.14 -9.07
CA ARG A 2 3.19 5.05 -8.93
C ARG A 2 2.76 3.63 -8.57
N ASP A 3 1.49 3.46 -8.24
CA ASP A 3 0.95 2.15 -7.87
C ASP A 3 0.10 1.58 -9.00
N ARG A 4 0.21 0.27 -9.21
CA ARG A 4 -0.55 -0.40 -10.27
C ARG A 4 -2.05 -0.26 -10.02
N ILE A 5 -2.43 -0.14 -8.75
CA ILE A 5 -3.83 0.00 -8.38
C ILE A 5 -4.17 1.46 -8.07
N PRO A 6 -5.47 1.79 -8.14
CA PRO A 6 -5.95 3.14 -7.87
C PRO A 6 -5.85 3.50 -6.38
N GLN A 7 -6.13 4.76 -6.06
CA GLN A 7 -6.07 5.23 -4.68
C GLN A 7 -7.32 4.81 -3.91
N ASN A 8 -8.43 4.71 -4.62
CA ASN A 8 -9.70 4.31 -4.00
C ASN A 8 -9.55 3.00 -3.25
N VAL A 9 -8.77 2.09 -3.81
CA VAL A 9 -8.55 0.79 -3.19
C VAL A 9 -7.38 0.84 -2.20
N CYS A 10 -6.36 1.63 -2.54
CA CYS A 10 -5.19 1.77 -1.69
C CYS A 10 -5.55 2.47 -0.38
N GLU A 11 -6.57 3.33 -0.43
CA GLU A 11 -7.00 4.07 0.74
C GLU A 11 -7.34 3.11 1.88
N GLN A 12 -8.19 2.13 1.60
CA GLN A 12 -8.60 1.16 2.60
C GLN A 12 -7.38 0.53 3.28
N MET A 13 -6.29 0.42 2.53
CA MET A 13 -5.05 -0.15 3.07
C MET A 13 -4.31 0.86 3.93
N LYS A 14 -4.38 2.14 3.55
CA LYS A 14 -3.72 3.20 4.29
C LYS A 14 -4.45 3.48 5.61
N LYS A 15 -5.77 3.63 5.53
CA LYS A 15 -6.58 3.90 6.71
C LYS A 15 -6.55 2.72 7.66
N ASN A 16 -6.38 1.53 7.12
CA ASN A 16 -6.33 0.31 7.94
C ASN A 16 -4.96 0.15 8.58
N GLY A 17 -3.92 0.55 7.87
CA GLY A 17 -2.57 0.45 8.38
C GLY A 17 -1.84 -0.77 7.86
N LYS A 18 -2.27 -1.25 6.69
CA LYS A 18 -1.64 -2.42 6.08
C LYS A 18 -0.18 -2.14 5.74
N CYS A 19 0.08 -0.95 5.23
CA CYS A 19 1.44 -0.57 4.86
C CYS A 19 2.42 -0.83 6.02
N GLY A 20 1.92 -0.64 7.24
CA GLY A 20 2.76 -0.86 8.41
C GLY A 20 2.63 -2.27 8.96
N ASP A 21 1.44 -2.85 8.83
CA ASP A 21 1.19 -4.20 9.32
C ASP A 21 2.18 -5.19 8.70
N PRO A 22 2.59 -6.20 9.47
CA PRO A 22 3.53 -7.23 9.02
C PRO A 22 2.90 -8.16 7.99
N ARG A 23 1.70 -8.65 8.28
CA ARG A 23 1.00 -9.55 7.38
C ARG A 23 0.84 -8.92 6.00
N MET A 24 0.62 -7.61 5.98
CA MET A 24 0.46 -6.88 4.72
C MET A 24 1.59 -5.88 4.51
N SER A 25 2.82 -6.33 4.75
CA SER A 25 3.99 -5.48 4.58
C SER A 25 4.61 -5.66 3.20
N THR A 26 4.68 -6.92 2.75
CA THR A 26 5.25 -7.23 1.45
C THR A 26 4.23 -7.02 0.33
N ILE A 27 2.96 -7.14 0.68
CA ILE A 27 1.88 -6.97 -0.29
C ILE A 27 1.52 -5.49 -0.45
N ALA A 28 1.60 -4.74 0.64
CA ALA A 28 1.29 -3.31 0.62
C ALA A 28 2.37 -2.54 -0.13
N GLU A 29 3.58 -3.07 -0.15
CA GLU A 29 4.70 -2.42 -0.83
C GLU A 29 4.64 -2.66 -2.33
N LEU A 30 4.13 -3.83 -2.71
CA LEU A 30 4.02 -4.19 -4.13
C LEU A 30 2.70 -3.70 -4.70
N GLN A 31 1.65 -3.74 -3.89
CA GLN A 31 0.32 -3.31 -4.31
C GLN A 31 0.21 -1.80 -4.26
N CYS A 32 0.67 -1.21 -3.16
CA CYS A 32 0.62 0.24 -2.98
C CYS A 32 2.01 0.80 -2.67
N PRO A 33 2.90 0.75 -3.67
CA PRO A 33 4.27 1.25 -3.53
C PRO A 33 4.32 2.77 -3.42
N LYS A 34 3.38 3.43 -4.08
CA LYS A 34 3.32 4.89 -4.06
C LYS A 34 2.56 5.39 -2.84
N THR A 35 1.41 4.76 -2.57
CA THR A 35 0.59 5.14 -1.43
C THR A 35 1.35 4.97 -0.12
N CYS A 36 2.09 3.87 0.00
CA CYS A 36 2.87 3.61 1.21
C CYS A 36 4.27 4.15 1.08
N GLY A 37 4.69 4.42 -0.16
CA GLY A 37 6.02 4.95 -0.40
C GLY A 37 7.12 3.97 0.00
N LYS A 38 7.33 2.97 -0.84
CA LYS A 38 8.35 1.95 -0.59
C LYS A 38 9.43 1.98 -1.67
N CYS A 39 9.00 2.18 -2.91
CA CYS A 39 9.92 2.23 -4.04
C CYS A 39 11.06 3.21 -3.78
N NH2 A 40 12.29 2.80 -4.10
HN1 NH2 A 40 12.40 1.90 -4.50
N CYS A 1 7.39 4.28 -9.93
CA CYS A 1 7.30 4.69 -8.53
C CYS A 1 5.85 4.68 -8.06
N ARG A 2 4.94 5.07 -8.95
CA ARG A 2 3.51 5.10 -8.62
C ARG A 2 3.01 3.71 -8.24
N ASP A 3 1.71 3.61 -8.00
CA ASP A 3 1.09 2.34 -7.63
C ASP A 3 0.30 1.76 -8.80
N ARG A 4 0.43 0.45 -9.01
CA ARG A 4 -0.28 -0.22 -10.09
C ARG A 4 -1.78 -0.03 -9.97
N ILE A 5 -2.25 0.17 -8.74
CA ILE A 5 -3.67 0.37 -8.48
C ILE A 5 -3.95 1.82 -8.08
N PRO A 6 -5.22 2.23 -8.23
CA PRO A 6 -5.67 3.58 -7.89
C PRO A 6 -5.65 3.84 -6.38
N GLN A 7 -5.89 5.08 -6.00
CA GLN A 7 -5.90 5.46 -4.58
C GLN A 7 -7.21 5.06 -3.93
N ASN A 8 -8.29 5.07 -4.71
CA ASN A 8 -9.60 4.69 -4.20
C ASN A 8 -9.57 3.32 -3.52
N VAL A 9 -8.79 2.42 -4.10
CA VAL A 9 -8.67 1.07 -3.55
C VAL A 9 -7.56 1.00 -2.50
N CYS A 10 -6.49 1.75 -2.74
CA CYS A 10 -5.36 1.77 -1.81
C CYS A 10 -5.77 2.41 -0.48
N GLU A 11 -6.76 3.30 -0.53
CA GLU A 11 -7.24 3.98 0.67
C GLU A 11 -7.54 2.97 1.77
N GLN A 12 -8.40 2.01 1.46
CA GLN A 12 -8.78 0.98 2.43
C GLN A 12 -7.55 0.34 3.05
N MET A 13 -6.47 0.25 2.28
CA MET A 13 -5.23 -0.34 2.77
C MET A 13 -4.45 0.66 3.63
N LYS A 14 -4.51 1.94 3.25
CA LYS A 14 -3.82 2.99 3.98
C LYS A 14 -4.47 3.23 5.34
N LYS A 15 -5.80 3.37 5.34
CA LYS A 15 -6.54 3.61 6.57
C LYS A 15 -6.46 2.41 7.49
N ASN A 16 -6.32 1.22 6.91
CA ASN A 16 -6.23 -0.01 7.67
C ASN A 16 -4.88 -0.12 8.38
N GLY A 17 -3.84 0.37 7.71
CA GLY A 17 -2.51 0.32 8.28
C GLY A 17 -1.69 -0.84 7.75
N LYS A 18 -2.03 -1.30 6.56
CA LYS A 18 -1.33 -2.43 5.94
C LYS A 18 0.14 -2.10 5.75
N CYS A 19 0.43 -0.82 5.45
CA CYS A 19 1.80 -0.39 5.24
C CYS A 19 2.67 -0.69 6.46
N GLY A 20 2.06 -0.60 7.65
CA GLY A 20 2.79 -0.87 8.86
C GLY A 20 2.75 -2.34 9.25
N ASP A 21 1.61 -2.99 9.00
CA ASP A 21 1.45 -4.39 9.34
C ASP A 21 2.49 -5.25 8.61
N PRO A 22 3.06 -6.23 9.33
CA PRO A 22 4.08 -7.12 8.79
C PRO A 22 3.50 -8.08 7.75
N ARG A 23 2.39 -8.71 8.08
CA ARG A 23 1.74 -9.66 7.17
C ARG A 23 1.32 -8.96 5.88
N MET A 24 0.90 -7.70 6.00
CA MET A 24 0.46 -6.94 4.84
C MET A 24 1.53 -5.93 4.43
N SER A 25 2.79 -6.31 4.58
CA SER A 25 3.90 -5.44 4.23
C SER A 25 4.41 -5.74 2.82
N THR A 26 4.36 -7.02 2.44
CA THR A 26 4.81 -7.44 1.12
C THR A 26 3.75 -7.14 0.07
N ILE A 27 2.49 -7.13 0.48
CA ILE A 27 1.38 -6.86 -0.43
C ILE A 27 1.12 -5.36 -0.56
N ALA A 28 1.25 -4.65 0.56
CA ALA A 28 1.04 -3.22 0.59
C ALA A 28 2.18 -2.48 -0.10
N GLU A 29 3.35 -3.11 -0.14
CA GLU A 29 4.52 -2.51 -0.78
C GLU A 29 4.46 -2.68 -2.29
N LEU A 30 3.85 -3.77 -2.74
CA LEU A 30 3.74 -4.05 -4.17
C LEU A 30 2.44 -3.47 -4.73
N GLN A 31 1.38 -3.52 -3.94
CA GLN A 31 0.09 -2.99 -4.35
C GLN A 31 0.04 -1.47 -4.20
N CYS A 32 0.61 -0.98 -3.11
CA CYS A 32 0.62 0.45 -2.83
C CYS A 32 2.01 0.89 -2.36
N PRO A 33 2.96 0.93 -3.30
CA PRO A 33 4.35 1.34 -3.01
C PRO A 33 4.46 2.83 -2.69
N LYS A 34 3.83 3.65 -3.52
CA LYS A 34 3.86 5.09 -3.33
C LYS A 34 3.03 5.50 -2.11
N THR A 35 1.81 5.00 -2.04
CA THR A 35 0.92 5.30 -0.91
C THR A 35 1.61 5.04 0.41
N CYS A 36 2.34 3.93 0.50
CA CYS A 36 3.05 3.57 1.71
C CYS A 36 4.40 4.27 1.79
N GLY A 37 4.88 4.75 0.64
CA GLY A 37 6.15 5.44 0.59
C GLY A 37 7.32 4.48 0.70
N LYS A 38 7.39 3.53 -0.22
CA LYS A 38 8.48 2.55 -0.23
C LYS A 38 9.08 2.42 -1.62
N CYS A 39 9.18 3.55 -2.33
CA CYS A 39 9.75 3.56 -3.67
C CYS A 39 11.19 3.06 -3.66
N NH2 A 40 11.96 3.52 -2.68
HN1 NH2 A 40 11.58 4.12 -2.02
#